data_8I4G
#
_entry.id   8I4G
#
_cell.length_a   1.00
_cell.length_b   1.00
_cell.length_c   1.00
_cell.angle_alpha   90.00
_cell.angle_beta   90.00
_cell.angle_gamma   90.00
#
_symmetry.space_group_name_H-M   'P 1'
#
loop_
_entity.id
_entity.type
_entity.pdbx_description
1 polymer n3130v-Fc
2 polymer 'Spike glycoprotein'
#
loop_
_entity_poly.entity_id
_entity_poly.type
_entity_poly.pdbx_seq_one_letter_code
_entity_poly.pdbx_strand_id
1 'polypeptide(L)'
;EVQLVESGGGLVQPGGSLRLSCAASDFYFDYYEMSWVRQAPGQGLEWVSTISGLGGATYYADSVKGRFTISRDNSKNTLY
LQMNSLRAEDTALYYCATRSPFGDYAFSYWGQGTLVTVSSGGGGSGGGGSGGGGSGPDKTHTCPPCPAPELLGGPSVFLF
PPKPKDTLMISRTPEVTCVVVDVSHEDPEVKFNWYVDGVEVHNAKTKPREEQYNSTYRVVSVLTVLHQDWLNGKEYKCKV
SNKALPAPIEKTISKAKGQPREPQVYTLPPSRDELTKNQVSLTCLVKGFYPSDIAVEWESNGQPENNYKTTPPVLDSDGS
FFLYSKLTVDKSRWQQGNVFSCSVMHEALHNHYTQKSLSLSPGKAAARGLNDIFEAQKIEWHE
;
C
2 'polypeptide(L)'
;MPMGSLQPLATLYLLGMLVASVLAQCVNLITRTQSYTNSFTRGVYYPDKVFRSSVLHSTQDLFLPFFSNVTWFHAISGTN
GTKRFDNPVLPFNDGVYFASTEKSNIIRGWIFGTTLDSKTQSLLIVNNATNVVIKVCEFQFCNDPFLDVYYHKNNKSWME
SEFRVYSSANNCTFEYVSQPFLMDLEGKQGNFKNLREFVFKNIDGYFKIYSKHTPINLGRDLPQGFSALEPLVDLPIGIN
ITRFQTLLALHRSYLTPGDSSSGWTAGAAAYYVGYLQPRTFLLKYNENGTITDAVDCALDPLSETKCTLKSFTVEKGIYQ
TSNFRVQPTESIVRFPNITNLCPFDEVFNATTFASVYAWNRKRISNCVADYSVLYNFAPFFAFKCYGVSPTKLNDLCFTN
VYADSFVIRGNEVSQIAPGQTGNIADYNYKLPDDFTGCVIAWNSNKLDSTVGGNYNYRYRLFRKSKLKPFERDISTEIYQ
AGNKPCNGVAGVNCYFPLQSYGFRPTYGVGHQPYRVVVLSFELLHAPATVCGPKKSTNLVKNKCVNFNFNGLTGTGVLTE
SNKKFLPFQQFGRDIADTTDAVRDPQTLEILDITPCSFGGVSVITPGTNTSNQVAVLYQGVNCTEVPVAIHADQLTPTWR
VYSTGSNVFQTRAGCLIGAEYVNNSYECDIPIGAGICASYQTQTKSHGSASSVASQSIIAYTMSLGAENSVAYSNNSIAI
PTNFTISVTTEILPVSMTKTSVDCTMYICGDSTECSNLLLQYGSFCTQLKRALTGIAVEQDKNTQEVFAQVKQIYKTPPI
KYFGGFNFSQILPDPSKPSKRSFIEDLLFNKVTLADAGFIKQYGDCLGDIAARDLICAQKFNGLTVLPPLLTDEMIAQYT
SALLAGTITSGWTFGAGAALQIPFAMQMAYRFNGIGVTQNVLYENQKLIANQFNSAIGKIQDSLSSTASALGKLQDVVNH
NAQALNTLVKQLSSKFGAISSVLNDILSRLDKVEAEVQIDRLITGRLQSLQTYVTQQLIRAAEIRASANLAATKMSECVL
GQSKRVDFCGKGYHLMSFPQSAPHGVVFLHVTYVPAQEKNFTTAPAICHDGKAHFPREGVFVSNGTHWFVTQRNFYEPQI
ITTDNTFVSGNCDVVIGIVNNTVYDPLQPELDSFKEELDKYFKNHTSPDVDLGDISGINASVVNIQKEIDRLNEVAKNLN
ESLIDLQELGKYEQGSGYIPEAPRDGQAYVRKDGEWVFLSTFLSGLEVLFQGPGGWSHPQFEKGGGSGGGSGGSAWSHPQ
FEKGGSHHHHHHHH
;
A
#
# COMPACT_ATOMS: atom_id res chain seq x y z
N GLU A 1 -18.18 -12.29 -30.67
CA GLU A 1 -18.68 -11.67 -31.89
C GLU A 1 -20.20 -11.64 -31.93
N VAL A 2 -20.83 -12.05 -30.82
CA VAL A 2 -22.28 -12.07 -30.74
C VAL A 2 -22.80 -10.65 -30.55
N GLN A 3 -23.87 -10.33 -31.27
CA GLN A 3 -24.50 -9.01 -31.20
C GLN A 3 -25.69 -9.10 -30.23
N LEU A 4 -25.72 -8.20 -29.25
CA LEU A 4 -26.77 -8.19 -28.24
C LEU A 4 -27.82 -7.16 -28.66
N VAL A 5 -28.85 -7.63 -29.36
CA VAL A 5 -29.94 -6.76 -29.78
C VAL A 5 -30.84 -6.48 -28.57
N GLU A 6 -31.16 -5.22 -28.35
CA GLU A 6 -31.95 -4.81 -27.21
C GLU A 6 -33.31 -4.26 -27.66
N SER A 7 -34.33 -4.53 -26.85
CA SER A 7 -35.68 -4.06 -27.10
C SER A 7 -36.45 -4.14 -25.78
N GLY A 8 -37.76 -3.87 -25.84
CA GLY A 8 -38.62 -3.97 -24.69
C GLY A 8 -39.37 -2.69 -24.36
N GLY A 9 -38.78 -1.53 -24.60
CA GLY A 9 -39.45 -0.28 -24.29
C GLY A 9 -38.67 0.92 -24.77
N GLY A 10 -39.42 1.92 -25.24
CA GLY A 10 -38.82 3.15 -25.72
C GLY A 10 -39.29 4.37 -24.96
N LEU A 11 -40.48 4.27 -24.37
CA LEU A 11 -41.06 5.39 -23.62
C LEU A 11 -42.14 4.85 -22.71
N VAL A 12 -42.10 5.29 -21.45
CA VAL A 12 -43.11 4.89 -20.47
C VAL A 12 -43.57 6.11 -19.67
N GLN A 13 -44.46 5.90 -18.72
CA GLN A 13 -45.03 6.96 -17.91
C GLN A 13 -44.46 6.88 -16.50
N PRO A 14 -44.39 8.01 -15.79
CA PRO A 14 -43.90 7.98 -14.41
C PRO A 14 -44.79 7.14 -13.51
N GLY A 15 -44.17 6.23 -12.76
CA GLY A 15 -44.91 5.34 -11.89
C GLY A 15 -45.47 4.13 -12.60
N GLY A 16 -44.68 3.57 -13.52
CA GLY A 16 -45.11 2.40 -14.27
C GLY A 16 -44.07 1.30 -14.29
N SER A 17 -44.22 0.36 -15.22
CA SER A 17 -43.29 -0.76 -15.34
C SER A 17 -43.37 -1.31 -16.75
N LEU A 18 -42.24 -1.81 -17.24
CA LEU A 18 -42.17 -2.39 -18.57
C LEU A 18 -40.96 -3.31 -18.64
N ARG A 19 -41.18 -4.54 -19.11
CA ARG A 19 -40.09 -5.51 -19.22
C ARG A 19 -39.29 -5.27 -20.49
N LEU A 20 -37.98 -5.29 -20.37
CA LEU A 20 -37.09 -5.13 -21.52
C LEU A 20 -36.74 -6.50 -22.10
N SER A 21 -35.78 -6.54 -23.03
CA SER A 21 -35.35 -7.78 -23.63
C SER A 21 -33.95 -7.60 -24.20
N CYS A 22 -33.12 -8.64 -24.02
CA CYS A 22 -31.75 -8.66 -24.53
C CYS A 22 -31.45 -10.10 -24.94
N ALA A 23 -31.62 -10.39 -26.22
CA ALA A 23 -31.42 -11.74 -26.72
C ALA A 23 -30.06 -11.85 -27.41
N ALA A 24 -29.36 -12.95 -27.15
CA ALA A 24 -28.06 -13.22 -27.74
C ALA A 24 -28.15 -14.40 -28.70
N SER A 25 -27.61 -14.19 -29.90
CA SER A 25 -27.67 -15.21 -30.95
C SER A 25 -26.55 -16.24 -30.80
N ASP A 26 -25.31 -15.80 -31.00
CA ASP A 26 -24.15 -16.69 -30.93
C ASP A 26 -23.52 -16.63 -29.54
N PHE A 27 -24.30 -17.08 -28.55
CA PHE A 27 -23.85 -17.08 -27.16
C PHE A 27 -23.63 -18.52 -26.71
N TYR A 28 -22.43 -19.04 -26.98
CA TYR A 28 -22.11 -20.40 -26.57
C TYR A 28 -21.56 -20.43 -25.14
N PHE A 29 -20.96 -19.33 -24.70
CA PHE A 29 -20.45 -19.24 -23.33
C PHE A 29 -21.60 -19.25 -22.33
N ASP A 30 -21.45 -20.07 -21.30
CA ASP A 30 -22.46 -20.22 -20.25
C ASP A 30 -22.01 -19.67 -18.91
N TYR A 31 -20.79 -19.14 -18.81
CA TYR A 31 -20.29 -18.58 -17.57
C TYR A 31 -20.04 -17.09 -17.62
N TYR A 32 -20.04 -16.49 -18.80
CA TYR A 32 -19.87 -15.04 -18.92
C TYR A 32 -21.04 -14.33 -18.26
N GLU A 33 -20.75 -13.56 -17.22
CA GLU A 33 -21.81 -12.88 -16.47
C GLU A 33 -22.33 -11.69 -17.28
N MET A 34 -23.66 -11.56 -17.34
CA MET A 34 -24.30 -10.46 -18.04
C MET A 34 -24.79 -9.41 -17.05
N SER A 35 -24.85 -8.16 -17.51
CA SER A 35 -25.25 -7.05 -16.67
C SER A 35 -25.91 -5.97 -17.52
N TRP A 36 -26.44 -4.96 -16.86
CA TRP A 36 -27.08 -3.82 -17.52
C TRP A 36 -26.33 -2.55 -17.15
N VAL A 37 -26.26 -1.62 -18.10
CA VAL A 37 -25.58 -0.35 -17.93
C VAL A 37 -26.49 0.76 -18.42
N ARG A 38 -26.78 1.73 -17.56
CA ARG A 38 -27.63 2.86 -17.88
C ARG A 38 -26.78 4.12 -17.96
N GLN A 39 -26.97 4.90 -19.02
CA GLN A 39 -26.23 6.15 -19.22
C GLN A 39 -27.26 7.26 -19.41
N ALA A 40 -27.51 8.01 -18.35
CA ALA A 40 -28.49 9.09 -18.42
C ALA A 40 -27.84 10.33 -19.04
N PRO A 41 -28.62 11.19 -19.71
CA PRO A 41 -28.05 12.44 -20.24
C PRO A 41 -27.44 13.29 -19.13
N GLY A 42 -26.28 13.87 -19.40
CA GLY A 42 -25.57 14.62 -18.38
C GLY A 42 -24.37 13.87 -17.83
N GLN A 43 -24.53 13.26 -16.67
CA GLN A 43 -23.46 12.50 -16.04
C GLN A 43 -23.18 11.24 -16.87
N GLY A 44 -22.20 10.45 -16.45
CA GLY A 44 -21.78 9.29 -17.20
C GLY A 44 -22.73 8.10 -17.09
N LEU A 45 -22.19 6.89 -17.17
CA LEU A 45 -22.98 5.68 -17.11
C LEU A 45 -22.83 5.03 -15.74
N GLU A 46 -23.83 4.25 -15.36
CA GLU A 46 -23.86 3.57 -14.06
C GLU A 46 -24.10 2.08 -14.26
N TRP A 47 -24.32 1.38 -13.16
CA TRP A 47 -24.54 -0.07 -13.16
C TRP A 47 -25.91 -0.36 -12.55
N VAL A 48 -26.65 -1.25 -13.18
CA VAL A 48 -28.00 -1.60 -12.71
C VAL A 48 -27.95 -2.87 -11.88
N SER A 49 -27.57 -3.98 -12.51
CA SER A 49 -27.54 -5.27 -11.84
C SER A 49 -26.83 -6.28 -12.74
N THR A 50 -26.21 -7.27 -12.13
CA THR A 50 -25.49 -8.33 -12.84
C THR A 50 -25.97 -9.70 -12.40
N ILE A 51 -25.77 -10.68 -13.26
CA ILE A 51 -26.15 -12.07 -12.99
C ILE A 51 -24.89 -12.92 -13.08
N SER A 52 -24.56 -13.60 -11.97
CA SER A 52 -23.38 -14.45 -11.93
C SER A 52 -23.56 -15.63 -12.89
N GLY A 53 -22.57 -15.84 -13.75
CA GLY A 53 -22.63 -16.91 -14.73
C GLY A 53 -22.21 -18.27 -14.24
N LEU A 54 -21.36 -18.33 -13.21
CA LEU A 54 -20.94 -19.64 -12.68
C LEU A 54 -22.06 -20.32 -11.91
N GLY A 55 -22.92 -19.55 -11.25
CA GLY A 55 -24.04 -20.12 -10.53
C GLY A 55 -25.36 -19.52 -10.96
N GLY A 56 -26.13 -19.02 -9.99
CA GLY A 56 -27.41 -18.41 -10.28
C GLY A 56 -27.70 -17.20 -9.41
N ALA A 57 -26.65 -16.64 -8.81
CA ALA A 57 -26.81 -15.49 -7.93
C ALA A 57 -27.03 -14.22 -8.74
N THR A 58 -27.80 -13.29 -8.17
CA THR A 58 -28.08 -12.01 -8.79
C THR A 58 -27.74 -10.90 -7.80
N TYR A 59 -27.03 -9.88 -8.28
CA TYR A 59 -26.63 -8.74 -7.47
C TYR A 59 -27.18 -7.47 -8.10
N TYR A 60 -27.78 -6.62 -7.27
CA TYR A 60 -28.38 -5.37 -7.71
C TYR A 60 -27.59 -4.19 -7.15
N ALA A 61 -27.96 -3.00 -7.60
CA ALA A 61 -27.33 -1.77 -7.14
C ALA A 61 -28.04 -1.26 -5.89
N ASP A 62 -27.66 -0.05 -5.46
CA ASP A 62 -28.23 0.54 -4.26
C ASP A 62 -29.51 1.33 -4.54
N SER A 63 -29.62 1.97 -5.70
CA SER A 63 -30.80 2.76 -6.00
C SER A 63 -31.93 1.87 -6.51
N VAL A 64 -31.59 0.77 -7.17
CA VAL A 64 -32.57 -0.12 -7.78
C VAL A 64 -32.58 -1.45 -7.03
N LYS A 65 -32.28 -1.41 -5.74
CA LYS A 65 -32.16 -2.61 -4.93
C LYS A 65 -33.48 -3.40 -4.88
N GLY A 66 -34.52 -2.79 -4.33
CA GLY A 66 -35.78 -3.50 -4.14
C GLY A 66 -36.88 -3.09 -5.09
N ARG A 67 -36.52 -2.67 -6.31
CA ARG A 67 -37.51 -2.25 -7.28
C ARG A 67 -37.24 -2.91 -8.64
N PHE A 68 -36.01 -3.36 -8.86
CA PHE A 68 -35.64 -4.03 -10.11
C PHE A 68 -35.36 -5.50 -9.82
N THR A 69 -35.96 -6.37 -10.61
CA THR A 69 -35.69 -7.80 -10.56
C THR A 69 -35.23 -8.28 -11.92
N ILE A 70 -34.34 -9.27 -11.92
CA ILE A 70 -33.76 -9.79 -13.15
C ILE A 70 -34.01 -11.29 -13.23
N SER A 71 -33.82 -11.85 -14.42
CA SER A 71 -34.00 -13.27 -14.65
C SER A 71 -33.24 -13.67 -15.90
N ARG A 72 -32.63 -14.85 -15.87
CA ARG A 72 -31.83 -15.36 -16.98
C ARG A 72 -32.29 -16.77 -17.33
N ASP A 73 -32.34 -17.07 -18.62
CA ASP A 73 -32.77 -18.39 -19.09
C ASP A 73 -31.94 -18.72 -20.33
N ASN A 74 -31.07 -19.73 -20.22
CA ASN A 74 -30.21 -20.12 -21.33
C ASN A 74 -30.92 -20.99 -22.36
N SER A 75 -32.14 -21.45 -22.07
CA SER A 75 -32.88 -22.27 -23.04
C SER A 75 -33.21 -21.46 -24.28
N LYS A 76 -33.76 -20.25 -24.09
CA LYS A 76 -34.05 -19.34 -25.18
C LYS A 76 -32.92 -18.35 -25.43
N ASN A 77 -31.92 -18.33 -24.58
CA ASN A 77 -30.72 -17.51 -24.73
C ASN A 77 -31.07 -16.03 -24.87
N THR A 78 -31.65 -15.50 -23.79
CA THR A 78 -32.02 -14.09 -23.74
C THR A 78 -31.94 -13.60 -22.30
N LEU A 79 -32.03 -12.30 -22.14
CA LEU A 79 -31.96 -11.66 -20.82
C LEU A 79 -33.13 -10.70 -20.67
N TYR A 80 -33.79 -10.74 -19.51
CA TYR A 80 -34.94 -9.90 -19.22
C TYR A 80 -34.62 -8.98 -18.07
N LEU A 81 -35.24 -7.80 -18.08
CA LEU A 81 -35.04 -6.77 -17.05
C LEU A 81 -36.38 -6.10 -16.77
N GLN A 82 -36.86 -6.23 -15.54
CA GLN A 82 -38.10 -5.59 -15.13
C GLN A 82 -37.81 -4.19 -14.61
N MET A 83 -38.81 -3.31 -14.72
CA MET A 83 -38.66 -1.90 -14.39
C MET A 83 -39.83 -1.42 -13.53
N ASN A 84 -40.10 -2.16 -12.46
CA ASN A 84 -41.17 -1.78 -11.56
C ASN A 84 -40.86 -0.44 -10.88
N SER A 85 -41.89 0.39 -10.77
CA SER A 85 -41.84 1.66 -10.04
C SER A 85 -40.80 2.62 -10.59
N LEU A 86 -40.97 3.04 -11.84
CA LEU A 86 -40.11 4.10 -12.40
C LEU A 86 -40.70 5.46 -12.08
N ARG A 87 -40.28 6.04 -10.95
CA ARG A 87 -40.93 7.26 -10.48
C ARG A 87 -40.42 8.53 -11.16
N ALA A 88 -39.16 8.89 -10.91
CA ALA A 88 -38.64 10.13 -11.47
C ALA A 88 -37.20 10.03 -11.95
N GLU A 89 -36.49 8.98 -11.53
CA GLU A 89 -35.04 8.96 -11.75
C GLU A 89 -34.63 7.98 -12.84
N ASP A 90 -35.53 7.08 -13.24
CA ASP A 90 -35.20 6.06 -14.22
C ASP A 90 -35.31 6.58 -15.66
N THR A 91 -34.58 7.66 -15.95
CA THR A 91 -34.53 8.24 -17.28
C THR A 91 -33.11 8.10 -17.82
N ALA A 92 -32.86 7.02 -18.57
CA ALA A 92 -31.52 6.75 -19.08
C ALA A 92 -31.63 5.83 -20.28
N LEU A 93 -30.52 5.71 -21.01
CA LEU A 93 -30.41 4.80 -22.15
C LEU A 93 -29.70 3.54 -21.66
N TYR A 94 -30.47 2.50 -21.39
CA TYR A 94 -29.94 1.27 -20.82
C TYR A 94 -29.23 0.44 -21.88
N TYR A 95 -28.08 -0.12 -21.52
CA TYR A 95 -27.29 -0.96 -22.41
C TYR A 95 -27.20 -2.38 -21.86
N CYS A 96 -27.01 -3.33 -22.76
CA CYS A 96 -26.86 -4.74 -22.41
C CYS A 96 -25.48 -5.21 -22.86
N ALA A 97 -24.63 -5.53 -21.90
CA ALA A 97 -23.26 -5.96 -22.20
C ALA A 97 -23.00 -7.27 -21.45
N THR A 98 -21.82 -7.85 -21.71
CA THR A 98 -21.45 -9.12 -21.12
C THR A 98 -19.94 -9.18 -20.97
N ARG A 99 -19.48 -9.70 -19.83
CA ARG A 99 -18.06 -9.84 -19.57
C ARG A 99 -17.82 -11.13 -18.79
N SER A 100 -16.56 -11.56 -18.77
CA SER A 100 -16.20 -12.78 -18.06
C SER A 100 -15.98 -12.47 -16.58
N PRO A 101 -16.38 -13.39 -15.68
CA PRO A 101 -16.13 -13.15 -14.25
C PRO A 101 -14.65 -13.10 -13.91
N PHE A 102 -13.81 -13.78 -14.67
CA PHE A 102 -12.37 -13.80 -14.44
C PHE A 102 -11.71 -12.87 -15.46
N GLY A 103 -11.23 -11.73 -14.99
CA GLY A 103 -10.57 -10.77 -15.85
C GLY A 103 -10.73 -9.37 -15.30
N ASP A 104 -10.70 -8.40 -16.20
CA ASP A 104 -10.79 -7.00 -15.82
C ASP A 104 -12.26 -6.56 -15.70
N TYR A 105 -12.46 -5.36 -15.18
CA TYR A 105 -13.80 -4.82 -15.01
C TYR A 105 -14.46 -4.44 -16.33
N ALA A 106 -13.67 -4.21 -17.38
CA ALA A 106 -14.24 -3.77 -18.64
C ALA A 106 -15.03 -4.89 -19.31
N PHE A 107 -16.10 -4.50 -20.01
CA PHE A 107 -16.92 -5.45 -20.72
C PHE A 107 -16.30 -5.82 -22.06
N SER A 108 -16.90 -6.79 -22.74
CA SER A 108 -16.42 -7.25 -24.03
C SER A 108 -17.52 -7.48 -25.06
N TYR A 109 -18.79 -7.23 -24.71
CA TYR A 109 -19.91 -7.47 -25.60
C TYR A 109 -20.86 -6.28 -25.58
N TRP A 110 -20.30 -5.07 -25.77
CA TRP A 110 -21.09 -3.85 -25.80
C TRP A 110 -22.16 -3.91 -26.90
N GLY A 111 -23.41 -3.74 -26.50
CA GLY A 111 -24.53 -3.80 -27.41
C GLY A 111 -24.91 -2.44 -27.98
N GLN A 112 -26.12 -2.39 -28.56
CA GLN A 112 -26.61 -1.16 -29.17
C GLN A 112 -27.19 -0.21 -28.11
N GLY A 113 -28.19 -0.66 -27.39
CA GLY A 113 -28.80 0.14 -26.33
C GLY A 113 -30.28 0.35 -26.59
N THR A 114 -30.97 0.80 -25.54
CA THR A 114 -32.40 1.09 -25.63
C THR A 114 -32.71 2.24 -24.67
N LEU A 115 -33.54 3.17 -25.11
CA LEU A 115 -33.88 4.34 -24.31
C LEU A 115 -35.14 4.09 -23.49
N VAL A 116 -35.10 4.50 -22.23
CA VAL A 116 -36.24 4.41 -21.32
C VAL A 116 -36.33 5.72 -20.54
N THR A 117 -37.42 6.45 -20.73
CA THR A 117 -37.63 7.74 -20.08
C THR A 117 -39.04 7.80 -19.49
N VAL A 118 -39.15 8.45 -18.33
CA VAL A 118 -40.44 8.63 -17.67
C VAL A 118 -40.67 10.11 -17.38
N SER A 119 -41.63 10.71 -18.06
CA SER A 119 -41.95 12.12 -17.87
C SER A 119 -43.38 12.42 -18.29
N SER B 35 16.47 30.05 19.75
CA SER B 35 17.34 30.40 18.63
C SER B 35 17.00 29.56 17.39
N TYR B 36 17.47 30.02 16.23
CA TYR B 36 17.21 29.32 14.98
C TYR B 36 18.42 29.50 14.06
N THR B 37 18.88 28.39 13.48
CA THR B 37 20.00 28.41 12.54
C THR B 37 19.58 27.61 11.31
N ASN B 38 20.54 27.37 10.42
CA ASN B 38 20.29 26.62 9.19
C ASN B 38 20.95 25.25 9.31
N SER B 39 20.16 24.20 9.04
CA SER B 39 20.66 22.83 9.13
C SER B 39 21.03 22.36 7.72
N PHE B 40 22.32 22.21 7.50
CA PHE B 40 22.82 21.73 6.21
C PHE B 40 22.42 20.28 6.01
N THR B 41 22.75 19.74 4.83
CA THR B 41 22.38 18.37 4.50
C THR B 41 23.13 17.39 5.38
N ARG B 42 22.46 16.87 6.41
CA ARG B 42 23.08 15.97 7.36
C ARG B 42 22.04 15.30 8.25
N GLY B 43 22.10 13.98 8.38
CA GLY B 43 21.15 13.26 9.20
C GLY B 43 20.60 12.02 8.53
N VAL B 44 21.13 11.70 7.34
CA VAL B 44 20.68 10.53 6.59
C VAL B 44 21.16 9.28 7.31
N TYR B 45 20.22 8.42 7.72
CA TYR B 45 20.53 7.17 8.38
C TYR B 45 20.26 5.99 7.44
N TYR B 46 20.59 4.80 7.92
CA TYR B 46 20.33 3.59 7.16
C TYR B 46 18.86 3.21 7.28
N PRO B 47 18.13 3.08 6.17
CA PRO B 47 16.70 2.77 6.25
C PRO B 47 16.40 1.46 6.97
N ASP B 48 16.97 0.36 6.47
CA ASP B 48 16.74 -0.96 7.03
C ASP B 48 18.09 -1.62 7.35
N LYS B 49 18.04 -2.89 7.76
CA LYS B 49 19.24 -3.63 8.13
C LYS B 49 19.73 -4.57 7.04
N VAL B 50 19.00 -4.70 5.94
CA VAL B 50 19.38 -5.59 4.84
C VAL B 50 20.66 -5.05 4.20
N PHE B 51 21.67 -5.92 4.09
CA PHE B 51 22.95 -5.52 3.50
C PHE B 51 22.78 -5.29 2.01
N ARG B 52 23.19 -4.11 1.55
CA ARG B 52 23.09 -3.74 0.14
C ARG B 52 24.38 -3.04 -0.28
N SER B 53 24.61 -3.00 -1.60
CA SER B 53 25.80 -2.39 -2.13
C SER B 53 25.58 -2.03 -3.59
N SER B 54 26.05 -0.85 -3.98
CA SER B 54 25.99 -0.38 -5.37
C SER B 54 24.55 -0.34 -5.89
N VAL B 55 23.61 0.03 -5.03
CA VAL B 55 22.21 0.13 -5.43
C VAL B 55 21.68 1.51 -5.07
N LEU B 56 20.48 1.84 -5.55
CA LEU B 56 19.85 3.14 -5.30
C LEU B 56 18.41 2.85 -4.88
N HIS B 57 18.18 2.74 -3.57
CA HIS B 57 16.88 2.44 -3.02
C HIS B 57 16.21 3.72 -2.54
N SER B 58 14.99 3.95 -3.01
CA SER B 58 14.21 5.15 -2.65
C SER B 58 13.21 4.72 -1.57
N THR B 59 13.63 4.86 -0.31
CA THR B 59 12.80 4.47 0.82
C THR B 59 11.92 5.64 1.26
N GLN B 60 10.91 5.31 2.09
CA GLN B 60 9.99 6.30 2.63
C GLN B 60 9.91 6.09 4.14
N ASP B 61 10.79 6.77 4.86
CA ASP B 61 10.85 6.71 6.32
C ASP B 61 10.87 8.12 6.90
N LEU B 62 11.08 8.21 8.20
CA LEU B 62 11.11 9.49 8.91
C LEU B 62 12.52 10.04 8.89
N PHE B 63 12.84 10.86 7.90
CA PHE B 63 14.15 11.47 7.74
C PHE B 63 14.12 12.93 8.18
N LEU B 64 15.30 13.55 8.12
CA LEU B 64 15.40 14.97 8.43
C LEU B 64 15.38 15.78 7.14
N PRO B 65 14.48 16.74 7.00
CA PRO B 65 14.46 17.57 5.79
C PRO B 65 15.69 18.46 5.71
N PHE B 66 16.32 18.46 4.55
CA PHE B 66 17.52 19.27 4.35
C PHE B 66 17.17 20.75 4.26
N PHE B 67 18.09 21.58 4.72
CA PHE B 67 17.92 23.03 4.76
C PHE B 67 16.69 23.40 5.59
N SER B 68 16.53 22.74 6.73
CA SER B 68 15.42 23.02 7.63
C SER B 68 15.82 24.09 8.65
N ASN B 69 14.98 24.30 9.65
CA ASN B 69 15.22 25.32 10.69
C ASN B 69 15.37 24.61 12.02
N VAL B 70 16.61 24.29 12.39
CA VAL B 70 16.87 23.68 13.69
C VAL B 70 17.12 24.78 14.72
N THR B 71 17.01 24.39 15.99
CA THR B 71 17.14 25.33 17.11
C THR B 71 18.53 25.19 17.72
N TRP B 72 19.29 26.28 17.72
CA TRP B 72 20.61 26.30 18.36
C TRP B 72 20.45 26.68 19.82
N PHE B 73 19.78 25.80 20.55
CA PHE B 73 19.44 26.04 21.96
C PHE B 73 20.71 25.97 22.81
N HIS B 74 21.05 27.07 23.45
CA HIS B 74 22.18 27.12 24.36
C HIS B 74 21.75 26.70 25.78
N ALA B 75 22.70 26.75 26.70
CA ALA B 75 22.44 26.36 28.08
C ALA B 75 23.14 27.34 29.01
N ILE B 76 22.63 27.41 30.25
CA ILE B 76 23.20 28.26 31.28
C ILE B 76 23.39 27.44 32.55
N SER B 77 23.86 28.09 33.62
CA SER B 77 24.09 27.37 34.88
C SER B 77 23.82 28.34 36.02
N GLY B 78 24.26 27.98 37.23
CA GLY B 78 24.06 28.81 38.41
C GLY B 78 22.79 28.49 39.16
N THR B 79 21.63 28.79 38.56
CA THR B 79 20.35 28.56 39.21
C THR B 79 19.84 27.16 38.88
N ASN B 80 19.34 26.47 39.89
CA ASN B 80 18.80 25.13 39.72
C ASN B 80 17.29 25.16 39.51
N GLY B 81 16.60 26.02 40.25
CA GLY B 81 15.14 26.07 40.19
C GLY B 81 14.58 26.49 38.84
N THR B 82 14.77 27.75 38.47
CA THR B 82 14.17 28.27 37.25
C THR B 82 15.19 28.40 36.12
N LYS B 83 16.28 29.10 36.38
CA LYS B 83 17.28 29.34 35.34
C LYS B 83 18.30 28.21 35.27
N ARG B 84 17.84 27.00 34.99
CA ARG B 84 18.73 25.86 34.80
C ARG B 84 19.17 25.71 33.35
N PHE B 85 18.41 26.23 32.40
CA PHE B 85 18.75 26.12 30.99
C PHE B 85 18.06 27.27 30.25
N ASP B 86 18.03 27.18 28.92
CA ASP B 86 17.43 28.22 28.09
C ASP B 86 16.14 27.79 27.42
N ASN B 87 15.95 26.49 27.16
CA ASN B 87 14.78 26.01 26.43
C ASN B 87 14.04 24.97 27.24
N PRO B 88 12.71 25.04 27.30
CA PRO B 88 11.94 24.03 28.04
C PRO B 88 11.86 22.71 27.28
N VAL B 89 11.02 21.79 27.77
CA VAL B 89 10.85 20.51 27.10
C VAL B 89 10.29 20.71 25.69
N LEU B 90 10.85 19.96 24.74
CA LEU B 90 10.47 20.07 23.34
C LEU B 90 9.51 18.95 22.97
N PRO B 91 8.49 19.24 22.17
CA PRO B 91 7.55 18.19 21.74
C PRO B 91 8.18 17.22 20.75
N PHE B 92 8.04 15.94 21.02
CA PHE B 92 8.54 14.90 20.13
C PHE B 92 7.43 14.49 19.16
N ASN B 93 7.59 14.83 17.88
CA ASN B 93 6.57 14.53 16.90
C ASN B 93 6.84 13.19 16.22
N ASP B 94 7.94 13.11 15.48
CA ASP B 94 8.35 11.86 14.84
C ASP B 94 9.81 11.50 15.08
N GLY B 95 10.67 12.47 15.36
CA GLY B 95 12.07 12.18 15.60
C GLY B 95 12.81 13.44 15.96
N VAL B 96 14.00 13.26 16.53
CA VAL B 96 14.84 14.36 16.98
C VAL B 96 16.25 14.11 16.49
N TYR B 97 16.81 15.08 15.75
CA TYR B 97 18.20 15.01 15.30
C TYR B 97 19.05 15.77 16.32
N PHE B 98 19.55 15.02 17.30
CA PHE B 98 20.40 15.60 18.32
C PHE B 98 21.79 15.87 17.77
N ALA B 99 22.38 16.99 18.20
CA ALA B 99 23.70 17.38 17.74
C ALA B 99 24.32 18.32 18.76
N SER B 100 25.47 17.93 19.31
CA SER B 100 26.17 18.73 20.30
C SER B 100 27.66 18.73 20.00
N THR B 101 28.29 19.87 20.22
CA THR B 101 29.73 20.03 19.98
C THR B 101 30.51 20.31 21.26
N GLU B 102 29.90 20.10 22.42
CA GLU B 102 30.57 20.37 23.69
C GLU B 102 31.57 19.26 24.00
N LYS B 103 32.35 19.48 25.07
CA LYS B 103 33.35 18.51 25.50
C LYS B 103 33.27 18.28 27.00
N SER B 104 34.24 17.56 27.55
CA SER B 104 34.30 17.23 28.98
C SER B 104 33.07 16.45 29.43
N ASN B 105 32.36 15.84 28.48
CA ASN B 105 31.20 15.00 28.74
C ASN B 105 30.13 15.77 29.52
N ILE B 106 29.69 16.88 28.93
CA ILE B 106 28.64 17.71 29.54
C ILE B 106 27.29 17.07 29.28
N ILE B 107 26.93 16.92 28.00
CA ILE B 107 25.64 16.34 27.66
C ILE B 107 25.76 14.82 27.63
N ARG B 108 25.12 14.16 28.59
CA ARG B 108 25.22 12.70 28.71
C ARG B 108 23.84 12.11 28.97
N GLY B 109 22.82 12.57 28.24
CA GLY B 109 21.49 12.05 28.46
C GLY B 109 20.44 12.57 27.50
N TRP B 110 19.48 11.71 27.16
CA TRP B 110 18.33 12.08 26.33
C TRP B 110 17.08 11.48 26.97
N ILE B 111 16.19 12.33 27.45
CA ILE B 111 14.98 11.90 28.13
C ILE B 111 13.84 11.82 27.12
N PHE B 112 13.12 10.70 27.14
CA PHE B 112 11.97 10.48 26.28
C PHE B 112 10.76 10.11 27.12
N GLY B 113 9.59 10.34 26.57
CA GLY B 113 8.36 10.00 27.27
C GLY B 113 7.18 10.74 26.68
N THR B 114 5.99 10.28 27.06
CA THR B 114 4.76 10.90 26.61
C THR B 114 4.44 12.14 27.42
N THR B 115 4.23 11.98 28.73
CA THR B 115 4.00 13.11 29.62
C THR B 115 5.04 13.20 30.73
N LEU B 116 5.83 12.14 30.92
CA LEU B 116 6.94 12.09 31.87
C LEU B 116 6.49 12.19 33.32
N ASP B 117 5.20 12.00 33.60
CA ASP B 117 4.71 12.08 34.97
C ASP B 117 3.80 10.90 35.26
N SER B 118 4.40 9.80 35.73
CA SER B 118 3.67 8.63 36.24
C SER B 118 2.58 8.16 35.28
N LYS B 119 2.88 8.22 33.99
CA LYS B 119 1.89 7.84 33.00
C LYS B 119 2.34 6.64 32.19
N THR B 120 3.46 6.76 31.49
CA THR B 120 3.96 5.70 30.63
C THR B 120 5.46 5.51 30.89
N GLN B 121 6.06 4.52 30.23
CA GLN B 121 7.48 4.24 30.39
C GLN B 121 8.30 5.36 29.77
N SER B 122 9.27 5.87 30.52
CA SER B 122 10.09 7.00 30.11
C SER B 122 11.50 6.48 29.80
N LEU B 123 11.87 6.52 28.52
CA LEU B 123 13.20 6.10 28.12
C LEU B 123 14.25 7.10 28.60
N LEU B 124 15.19 6.63 29.41
CA LEU B 124 16.24 7.46 29.97
C LEU B 124 17.60 6.91 29.54
N ILE B 125 18.13 7.46 28.45
CA ILE B 125 19.44 7.05 27.95
C ILE B 125 20.51 7.94 28.56
N VAL B 126 20.99 7.58 29.75
CA VAL B 126 22.00 8.38 30.44
C VAL B 126 23.37 7.80 30.13
N ASN B 127 24.21 8.59 29.46
CA ASN B 127 25.58 8.18 29.18
C ASN B 127 26.43 8.31 30.43
N ASN B 128 27.40 7.41 30.57
CA ASN B 128 28.26 7.40 31.75
C ASN B 128 29.73 7.43 31.36
N ALA B 129 30.61 7.21 32.33
CA ALA B 129 32.05 7.24 32.09
C ALA B 129 32.46 6.17 31.08
N THR B 130 32.12 4.91 31.36
CA THR B 130 32.45 3.82 30.46
C THR B 130 31.26 3.11 29.85
N ASN B 131 30.11 3.05 30.52
CA ASN B 131 28.93 2.39 29.99
C ASN B 131 27.84 3.41 29.70
N VAL B 132 26.67 2.91 29.30
CA VAL B 132 25.51 3.76 29.05
C VAL B 132 24.24 3.04 29.48
N VAL B 133 23.51 3.62 30.43
CA VAL B 133 22.29 3.02 30.93
C VAL B 133 21.13 3.42 30.02
N ILE B 134 20.42 2.43 29.51
CA ILE B 134 19.27 2.67 28.63
C ILE B 134 18.03 2.15 29.33
N LYS B 135 18.01 2.24 30.65
CA LYS B 135 16.90 1.73 31.46
C LYS B 135 15.58 2.36 31.09
N VAL B 136 14.68 1.58 30.52
CA VAL B 136 13.33 2.04 30.20
C VAL B 136 12.44 1.72 31.39
N CYS B 137 12.26 2.70 32.28
CA CYS B 137 11.49 2.48 33.49
C CYS B 137 10.63 3.71 33.76
N GLU B 138 9.73 3.57 34.72
CA GLU B 138 8.84 4.65 35.10
C GLU B 138 9.58 5.62 36.00
N PHE B 139 9.83 6.84 35.50
CA PHE B 139 10.55 7.85 36.23
C PHE B 139 9.71 9.11 36.37
N GLN B 140 9.84 9.77 37.51
CA GLN B 140 9.19 11.05 37.75
C GLN B 140 10.15 12.20 37.51
N PHE B 141 10.41 12.52 36.24
CA PHE B 141 11.33 13.59 35.89
C PHE B 141 10.82 14.95 36.34
N CYS B 142 11.60 15.64 37.17
CA CYS B 142 11.22 16.96 37.62
C CYS B 142 11.39 17.99 36.50
N ASN B 143 10.96 19.22 36.76
CA ASN B 143 11.05 20.26 35.76
C ASN B 143 12.50 20.67 35.49
N ASP B 144 13.38 20.44 36.46
CA ASP B 144 14.79 20.81 36.31
C ASP B 144 15.66 19.57 36.41
N PRO B 145 15.83 18.81 35.32
CA PRO B 145 16.68 17.61 35.38
C PRO B 145 18.14 17.93 35.14
N PHE B 146 18.99 17.65 36.13
CA PHE B 146 20.42 17.86 36.03
C PHE B 146 21.15 16.67 36.64
N LEU B 147 22.32 16.36 36.08
CA LEU B 147 23.14 15.22 36.51
C LEU B 147 24.42 15.77 37.12
N ASP B 148 24.58 15.61 38.43
CA ASP B 148 25.76 16.09 39.11
C ASP B 148 26.98 15.26 38.69
N VAL B 149 28.09 15.95 38.46
CA VAL B 149 29.32 15.32 38.01
C VAL B 149 29.89 14.47 39.13
N TYR B 150 30.12 13.19 38.83
CA TYR B 150 30.69 12.25 39.79
C TYR B 150 32.19 12.11 39.50
N TYR B 151 32.99 12.12 40.56
CA TYR B 151 34.44 12.00 40.43
C TYR B 151 34.82 10.58 40.02
N HIS B 152 35.80 10.46 39.12
CA HIS B 152 36.21 9.15 38.63
C HIS B 152 36.87 8.32 39.73
N LYS B 153 36.15 7.32 40.23
CA LYS B 153 36.67 6.40 41.22
C LYS B 153 36.24 4.99 40.81
N ASN B 154 36.44 4.02 41.69
CA ASN B 154 36.05 2.63 41.46
C ASN B 154 34.67 2.42 42.10
N ASN B 155 33.64 2.43 41.26
CA ASN B 155 32.26 2.27 41.70
C ASN B 155 31.79 0.85 41.45
N LYS B 156 30.50 0.62 41.67
CA LYS B 156 29.89 -0.69 41.50
C LYS B 156 29.37 -0.87 40.09
N SER B 157 30.27 -0.70 39.12
CA SER B 157 29.99 -0.91 37.71
C SER B 157 28.89 0.02 37.19
N TRP B 158 28.56 1.06 37.96
CA TRP B 158 27.52 2.00 37.58
C TRP B 158 27.81 3.31 38.30
N MET B 159 27.09 4.39 37.98
CA MET B 159 27.24 5.67 38.68
C MET B 159 25.98 6.11 39.40
N GLU B 160 25.28 5.21 40.08
CA GLU B 160 24.03 5.52 40.74
C GLU B 160 24.23 6.45 41.94
N SER B 161 25.48 6.74 42.28
CA SER B 161 25.80 7.66 43.37
C SER B 161 25.20 9.02 43.10
N GLU B 162 25.48 9.60 41.94
CA GLU B 162 24.92 10.89 41.55
C GLU B 162 23.76 10.69 40.59
N PHE B 163 22.53 10.80 41.09
CA PHE B 163 21.32 10.63 40.28
C PHE B 163 20.22 11.50 40.88
N ARG B 164 20.01 12.67 40.27
CA ARG B 164 18.95 13.58 40.65
C ARG B 164 18.11 13.99 39.44
N VAL B 165 18.18 13.22 38.36
CA VAL B 165 17.40 13.52 37.17
C VAL B 165 15.97 13.04 37.35
N TYR B 166 15.78 11.85 37.92
CA TYR B 166 14.47 11.27 38.17
C TYR B 166 14.19 11.26 39.67
N SER B 167 12.99 10.82 40.03
CA SER B 167 12.57 10.76 41.42
C SER B 167 12.34 9.34 41.90
N SER B 168 11.51 8.57 41.21
CA SER B 168 11.16 7.21 41.62
C SER B 168 11.24 6.26 40.44
N ALA B 169 11.21 4.96 40.75
CA ALA B 169 11.24 3.91 39.73
C ALA B 169 10.60 2.67 40.33
N ASN B 170 9.41 2.32 39.84
CA ASN B 170 8.67 1.18 40.39
C ASN B 170 8.54 0.05 39.37
N ASN B 171 8.01 0.36 38.20
CA ASN B 171 7.79 -0.63 37.14
C ASN B 171 8.81 -0.39 36.03
N CYS B 172 9.84 -1.24 36.02
CA CYS B 172 10.95 -1.10 35.08
C CYS B 172 10.81 -2.14 33.98
N THR B 173 10.80 -1.66 32.73
CA THR B 173 10.73 -2.51 31.54
C THR B 173 12.14 -2.86 31.06
N PHE B 174 12.24 -3.38 29.83
CA PHE B 174 13.52 -3.76 29.24
C PHE B 174 14.61 -2.75 29.54
N GLU B 175 15.78 -3.26 29.90
CA GLU B 175 16.84 -2.46 30.52
C GLU B 175 18.20 -2.74 29.88
N TYR B 176 18.28 -2.54 28.56
CA TYR B 176 19.53 -2.73 27.83
C TYR B 176 20.69 -2.03 28.53
N VAL B 177 21.77 -2.77 28.73
CA VAL B 177 22.93 -2.29 29.48
C VAL B 177 24.18 -2.25 28.60
N SER B 178 24.02 -1.97 27.31
CA SER B 178 25.11 -1.95 26.35
C SER B 178 26.37 -1.28 26.89
N GLN B 179 27.50 -1.98 26.80
CA GLN B 179 28.76 -1.54 27.38
C GLN B 179 29.39 -0.36 26.65
N PRO B 180 29.53 -0.39 25.29
CA PRO B 180 30.27 0.69 24.62
C PRO B 180 29.69 2.08 24.88
N PHE B 181 30.58 3.07 25.00
CA PHE B 181 30.18 4.44 25.32
C PHE B 181 29.28 5.01 24.22
N LEU B 182 28.18 5.65 24.63
CA LEU B 182 27.25 6.23 23.67
C LEU B 182 27.65 7.66 23.32
N MET B 183 28.16 8.40 24.31
CA MET B 183 28.55 9.79 24.13
C MET B 183 29.69 9.93 23.13
N ASP B 184 30.84 9.35 23.44
CA ASP B 184 32.01 9.45 22.60
C ASP B 184 32.47 8.05 22.17
N LEU B 185 33.18 7.99 21.05
CA LEU B 185 33.69 6.73 20.53
C LEU B 185 35.21 6.72 20.50
N GLU B 186 35.80 7.74 19.89
CA GLU B 186 37.26 7.82 19.77
C GLU B 186 37.78 9.10 20.42
N GLY B 187 39.11 9.21 20.49
CA GLY B 187 39.73 10.38 21.07
C GLY B 187 40.96 10.84 20.32
N LYS B 188 40.99 12.11 19.92
CA LYS B 188 42.12 12.64 19.17
C LYS B 188 42.22 14.15 19.42
N GLN B 189 43.10 14.83 18.66
CA GLN B 189 43.25 16.27 18.76
C GLN B 189 42.13 17.04 18.09
N GLY B 190 41.39 16.42 17.17
CA GLY B 190 40.27 17.07 16.54
C GLY B 190 38.95 16.69 17.20
N ASN B 191 39.04 15.96 18.32
CA ASN B 191 37.85 15.54 19.04
C ASN B 191 37.15 16.69 19.74
N PHE B 192 37.82 17.82 19.92
CA PHE B 192 37.20 18.97 20.58
C PHE B 192 36.06 19.53 19.74
N LYS B 193 36.21 19.49 18.40
CA LYS B 193 35.16 19.99 17.52
C LYS B 193 34.27 18.87 17.01
N ASN B 194 34.49 17.64 17.47
CA ASN B 194 33.73 16.48 17.00
C ASN B 194 32.24 16.65 17.30
N LEU B 195 31.40 16.32 16.32
CA LEU B 195 29.95 16.43 16.46
C LEU B 195 29.37 15.05 16.73
N ARG B 196 28.81 14.86 17.92
CA ARG B 196 28.16 13.60 18.28
C ARG B 196 26.67 13.72 17.93
N GLU B 197 26.31 13.29 16.72
CA GLU B 197 24.95 13.38 16.23
C GLU B 197 24.21 12.07 16.46
N PHE B 198 22.92 12.17 16.78
CA PHE B 198 22.10 10.99 17.07
C PHE B 198 20.70 11.22 16.52
N VAL B 199 20.13 10.19 15.90
CA VAL B 199 18.77 10.23 15.37
C VAL B 199 17.93 9.21 16.12
N PHE B 200 16.76 9.64 16.60
CA PHE B 200 15.87 8.79 17.39
C PHE B 200 14.53 8.66 16.69
N LYS B 201 13.96 7.46 16.73
CA LYS B 201 12.65 7.21 16.14
C LYS B 201 12.09 5.91 16.69
N ASN B 202 10.90 5.98 17.28
CA ASN B 202 10.19 4.81 17.78
C ASN B 202 9.06 4.49 16.80
N ILE B 203 9.40 3.76 15.74
CA ILE B 203 8.43 3.41 14.71
C ILE B 203 7.85 2.03 14.96
N ASP B 204 6.80 1.97 15.77
CA ASP B 204 6.00 0.76 15.98
C ASP B 204 6.83 -0.47 16.34
N GLY B 205 7.51 -0.43 17.48
CA GLY B 205 8.17 -1.63 17.95
C GLY B 205 9.64 -1.47 18.30
N TYR B 206 10.36 -0.63 17.57
CA TYR B 206 11.78 -0.47 17.77
C TYR B 206 12.15 1.01 17.83
N PHE B 207 12.98 1.35 18.82
CA PHE B 207 13.48 2.71 18.99
C PHE B 207 14.83 2.80 18.26
N LYS B 208 14.77 2.99 16.95
CA LYS B 208 15.97 3.00 16.13
C LYS B 208 16.86 4.20 16.44
N ILE B 209 18.05 3.93 16.98
CA ILE B 209 19.02 4.96 17.31
C ILE B 209 20.17 4.87 16.31
N TYR B 210 20.74 6.02 15.96
CA TYR B 210 21.88 6.11 15.05
C TYR B 210 22.94 7.02 15.66
N SER B 211 24.16 6.93 15.14
CA SER B 211 25.27 7.70 15.69
C SER B 211 26.39 7.76 14.65
N LYS B 212 27.09 8.89 14.63
CA LYS B 212 28.26 9.06 13.78
C LYS B 212 29.23 10.05 14.40
N HIS B 213 30.26 9.54 15.09
CA HIS B 213 31.23 10.38 15.78
C HIS B 213 32.36 10.78 14.84
N THR B 214 32.18 11.89 14.13
CA THR B 214 33.17 12.38 13.18
C THR B 214 33.59 13.79 13.54
N PRO B 215 34.89 14.10 13.50
CA PRO B 215 35.34 15.47 13.83
C PRO B 215 34.98 16.45 12.74
N ILE B 216 34.70 17.69 13.15
CA ILE B 216 34.42 18.78 12.22
C ILE B 216 35.72 19.52 11.94
N ASN B 217 35.82 20.10 10.75
CA ASN B 217 36.96 20.95 10.40
C ASN B 217 37.09 22.09 11.40
N LEU B 218 38.33 22.48 11.69
CA LEU B 218 38.62 23.51 12.68
C LEU B 218 37.94 24.83 12.31
N GLY B 219 37.07 25.32 13.20
CA GLY B 219 36.38 26.58 12.97
C GLY B 219 35.10 26.42 12.17
N ARG B 220 34.21 25.54 12.63
CA ARG B 220 32.95 25.28 11.94
C ARG B 220 31.98 24.63 12.91
N ASP B 221 30.76 25.16 12.95
CA ASP B 221 29.76 24.64 13.89
C ASP B 221 29.09 23.38 13.34
N LEU B 222 28.74 23.38 12.06
CA LEU B 222 28.11 22.24 11.41
C LEU B 222 28.88 21.90 10.15
N PRO B 223 29.22 20.64 9.93
CA PRO B 223 30.04 20.27 8.78
C PRO B 223 29.27 20.45 7.46
N GLN B 224 30.02 20.65 6.40
CA GLN B 224 29.47 20.81 5.05
C GLN B 224 29.56 19.51 4.25
N GLY B 225 29.80 18.40 4.93
CA GLY B 225 29.90 17.09 4.30
C GLY B 225 28.55 16.41 4.20
N PHE B 226 28.56 15.14 3.79
CA PHE B 226 27.34 14.37 3.63
C PHE B 226 27.54 13.00 4.28
N SER B 227 28.08 13.01 5.50
CA SER B 227 28.28 11.77 6.24
C SER B 227 26.94 11.18 6.64
N ALA B 228 26.96 9.93 7.11
CA ALA B 228 25.74 9.23 7.49
C ALA B 228 25.95 8.55 8.83
N LEU B 229 24.89 8.49 9.63
CA LEU B 229 24.94 7.92 10.97
C LEU B 229 24.84 6.40 10.86
N GLU B 230 25.81 5.72 11.44
CA GLU B 230 25.81 4.25 11.42
C GLU B 230 24.71 3.71 12.34
N PRO B 231 24.24 2.49 12.11
CA PRO B 231 23.21 1.93 13.00
C PRO B 231 23.72 1.75 14.41
N LEU B 232 22.79 1.53 15.35
CA LEU B 232 23.14 1.39 16.75
C LEU B 232 22.16 0.45 17.43
N VAL B 233 22.02 0.56 18.76
CA VAL B 233 21.14 -0.32 19.50
C VAL B 233 19.70 -0.12 19.04
N ASP B 234 18.91 -1.19 19.12
CA ASP B 234 17.51 -1.17 18.71
C ASP B 234 16.62 -1.77 19.78
N LEU B 235 16.78 -1.32 21.02
CA LEU B 235 16.03 -1.86 22.14
C LEU B 235 14.53 -1.85 21.83
N PRO B 236 13.88 -3.02 21.80
CA PRO B 236 12.45 -3.06 21.43
C PRO B 236 11.54 -2.50 22.51
N ILE B 237 10.85 -1.41 22.21
CA ILE B 237 9.87 -0.83 23.11
C ILE B 237 8.60 -0.53 22.33
N GLY B 238 7.53 -0.19 23.03
CA GLY B 238 6.27 0.08 22.38
C GLY B 238 5.55 1.30 22.91
N ILE B 239 6.17 1.98 23.88
CA ILE B 239 5.55 3.18 24.44
C ILE B 239 5.71 4.35 23.48
N ASN B 240 4.66 5.17 23.39
CA ASN B 240 4.70 6.32 22.50
C ASN B 240 5.47 7.46 23.14
N ILE B 241 6.14 8.25 22.31
CA ILE B 241 6.94 9.39 22.75
C ILE B 241 6.35 10.64 22.12
N THR B 242 6.00 11.62 22.96
CA THR B 242 5.47 12.89 22.50
C THR B 242 6.28 14.08 22.98
N ARG B 243 7.26 13.87 23.86
CA ARG B 243 8.06 14.95 24.39
C ARG B 243 9.51 14.49 24.50
N PHE B 244 10.44 15.40 24.21
CA PHE B 244 11.87 15.12 24.27
C PHE B 244 12.55 16.22 25.08
N GLN B 245 13.50 15.82 25.92
CA GLN B 245 14.23 16.75 26.78
C GLN B 245 15.69 16.34 26.82
N THR B 246 16.59 17.30 26.57
CA THR B 246 18.01 17.02 26.58
C THR B 246 18.54 17.14 28.01
N LEU B 247 19.25 16.11 28.47
CA LEU B 247 19.80 16.08 29.82
C LEU B 247 21.23 16.62 29.79
N LEU B 248 21.52 17.54 30.70
CA LEU B 248 22.84 18.14 30.84
C LEU B 248 23.43 17.78 32.19
N ALA B 249 24.69 18.18 32.40
CA ALA B 249 25.40 17.89 33.63
C ALA B 249 26.04 19.15 34.19
N LEU B 250 26.22 19.18 35.50
CA LEU B 250 26.83 20.30 36.19
C LEU B 250 27.80 19.77 37.24
N HIS B 251 28.89 20.50 37.44
CA HIS B 251 29.92 20.09 38.39
C HIS B 251 29.44 20.28 39.82
N ARG B 252 29.15 21.51 40.22
CA ARG B 252 28.71 21.85 41.56
C ARG B 252 27.62 22.90 41.48
N SER B 253 26.53 22.68 42.21
CA SER B 253 25.37 23.57 42.18
C SER B 253 25.22 24.24 43.54
N TYR B 254 24.93 25.56 43.52
CA TYR B 254 24.72 26.32 44.74
C TYR B 254 23.53 27.27 44.67
N LEU B 255 22.84 27.34 43.53
CA LEU B 255 21.68 28.21 43.34
C LEU B 255 22.03 29.66 43.67
N THR B 256 23.13 30.14 43.07
CA THR B 256 23.62 31.50 43.26
C THR B 256 24.07 32.06 41.93
N PRO B 257 24.00 33.38 41.75
CA PRO B 257 24.50 33.98 40.50
C PRO B 257 26.02 34.05 40.44
N GLY B 258 26.72 33.80 41.55
CA GLY B 258 28.17 33.89 41.53
C GLY B 258 28.82 32.77 40.75
N ASP B 259 28.21 31.58 40.78
CA ASP B 259 28.73 30.43 40.05
C ASP B 259 27.95 30.13 38.79
N SER B 260 27.49 31.16 38.08
CA SER B 260 26.76 30.99 36.83
C SER B 260 27.66 30.82 35.62
N SER B 261 28.64 31.72 35.40
CA SER B 261 29.58 31.62 34.30
C SER B 261 30.99 31.91 34.85
N SER B 262 31.63 30.86 35.36
CA SER B 262 32.97 30.99 35.93
C SER B 262 33.94 29.91 35.49
N GLY B 263 33.50 28.90 34.74
CA GLY B 263 34.37 27.80 34.38
C GLY B 263 34.27 26.65 35.37
N TRP B 264 34.61 26.94 36.63
CA TRP B 264 34.46 25.95 37.69
C TRP B 264 33.10 26.07 38.35
N THR B 265 32.53 24.92 38.73
CA THR B 265 31.20 24.81 39.32
C THR B 265 30.11 25.38 38.42
N ALA B 266 30.38 25.55 37.13
CA ALA B 266 29.41 26.09 36.20
C ALA B 266 29.64 25.42 34.84
N GLY B 267 29.03 25.96 33.81
CA GLY B 267 29.21 25.44 32.47
C GLY B 267 28.08 25.87 31.55
N ALA B 268 28.29 25.60 30.26
CA ALA B 268 27.30 25.92 29.24
C ALA B 268 27.59 25.07 28.02
N ALA B 269 26.53 24.73 27.29
CA ALA B 269 26.65 23.87 26.11
C ALA B 269 25.49 24.17 25.18
N ALA B 270 25.54 23.57 24.00
CA ALA B 270 24.50 23.72 22.98
C ALA B 270 24.13 22.35 22.44
N TYR B 271 22.86 22.20 22.06
CA TYR B 271 22.35 20.93 21.53
C TYR B 271 21.34 21.25 20.43
N TYR B 272 21.73 21.00 19.18
CA TYR B 272 20.85 21.21 18.05
C TYR B 272 19.74 20.17 18.04
N VAL B 273 18.51 20.63 17.81
CA VAL B 273 17.34 19.75 17.77
C VAL B 273 16.63 19.96 16.43
N GLY B 274 16.38 18.88 15.72
CA GLY B 274 15.67 18.93 14.47
C GLY B 274 14.62 17.85 14.38
N TYR B 275 13.39 18.27 14.07
CA TYR B 275 12.26 17.36 13.99
C TYR B 275 12.25 16.65 12.64
N LEU B 276 11.88 15.37 12.66
CA LEU B 276 11.83 14.55 11.45
C LEU B 276 10.40 14.55 10.91
N GLN B 277 10.27 14.75 9.60
CA GLN B 277 8.98 14.66 8.93
C GLN B 277 9.01 13.57 7.87
N PRO B 278 7.88 12.93 7.59
CA PRO B 278 7.86 11.87 6.57
C PRO B 278 8.24 12.42 5.20
N ARG B 279 9.35 11.91 4.67
CA ARG B 279 9.85 12.33 3.37
C ARG B 279 10.55 11.16 2.71
N THR B 280 10.57 11.17 1.38
CA THR B 280 11.22 10.14 0.59
C THR B 280 12.65 10.56 0.26
N PHE B 281 13.57 9.60 0.38
CA PHE B 281 14.99 9.88 0.17
C PHE B 281 15.59 8.79 -0.70
N LEU B 282 16.43 9.21 -1.66
CA LEU B 282 17.16 8.29 -2.52
C LEU B 282 18.60 8.22 -2.02
N LEU B 283 18.95 7.12 -1.36
CA LEU B 283 20.25 6.95 -0.73
C LEU B 283 21.15 6.12 -1.64
N LYS B 284 22.39 6.58 -1.82
CA LYS B 284 23.38 5.89 -2.63
C LYS B 284 24.20 4.96 -1.74
N TYR B 285 24.42 3.74 -2.22
CA TYR B 285 25.19 2.74 -1.48
C TYR B 285 26.53 2.50 -2.15
N ASN B 286 27.54 2.22 -1.34
CA ASN B 286 28.88 1.95 -1.82
C ASN B 286 29.15 0.44 -1.81
N GLU B 287 30.37 0.06 -2.17
CA GLU B 287 30.71 -1.36 -2.22
C GLU B 287 30.85 -1.94 -0.81
N ASN B 288 31.09 -1.09 0.19
CA ASN B 288 31.25 -1.54 1.57
C ASN B 288 29.96 -1.48 2.36
N GLY B 289 28.85 -1.10 1.74
CA GLY B 289 27.59 -1.05 2.44
C GLY B 289 27.40 0.17 3.32
N THR B 290 27.81 1.34 2.85
CA THR B 290 27.67 2.59 3.60
C THR B 290 26.82 3.56 2.80
N ILE B 291 26.18 4.51 3.50
CA ILE B 291 25.31 5.47 2.85
C ILE B 291 26.14 6.61 2.27
N THR B 292 26.06 6.78 0.96
CA THR B 292 26.76 7.87 0.27
C THR B 292 25.84 9.08 0.17
N ASP B 293 26.22 10.05 -0.66
CA ASP B 293 25.40 11.24 -0.90
C ASP B 293 23.98 10.84 -1.30
N ALA B 294 23.01 11.62 -0.81
CA ALA B 294 21.61 11.34 -1.05
C ALA B 294 20.91 12.62 -1.49
N VAL B 295 19.64 12.49 -1.83
CA VAL B 295 18.81 13.60 -2.30
C VAL B 295 17.63 13.76 -1.37
N ASP B 296 17.29 15.02 -1.05
CA ASP B 296 16.16 15.28 -0.17
C ASP B 296 14.84 14.90 -0.81
N CYS B 297 14.67 15.17 -2.11
CA CYS B 297 13.47 14.82 -2.88
C CYS B 297 12.23 15.55 -2.38
N ALA B 298 12.39 16.45 -1.41
CA ALA B 298 11.30 17.28 -0.93
C ALA B 298 11.80 18.72 -0.84
N LEU B 299 12.43 19.19 -1.90
CA LEU B 299 13.19 20.43 -1.91
C LEU B 299 13.11 21.07 -3.28
N ASP B 300 14.05 21.98 -3.58
CA ASP B 300 14.14 22.60 -4.90
C ASP B 300 13.91 21.58 -6.01
N PRO B 301 13.26 21.99 -7.10
CA PRO B 301 12.76 21.00 -8.08
C PRO B 301 13.82 20.09 -8.66
N LEU B 302 15.11 20.40 -8.48
CA LEU B 302 16.15 19.47 -8.91
C LEU B 302 16.10 18.17 -8.10
N SER B 303 15.65 18.25 -6.84
CA SER B 303 15.51 17.05 -6.03
C SER B 303 14.41 16.15 -6.56
N GLU B 304 13.26 16.75 -6.94
CA GLU B 304 12.21 15.97 -7.57
C GLU B 304 12.64 15.41 -8.92
N THR B 305 13.55 16.10 -9.61
CA THR B 305 14.13 15.54 -10.83
C THR B 305 15.02 14.35 -10.52
N LYS B 306 15.71 14.38 -9.38
CA LYS B 306 16.52 13.24 -8.97
C LYS B 306 15.65 12.07 -8.56
N CYS B 307 14.48 12.33 -7.98
CA CYS B 307 13.58 11.28 -7.52
C CYS B 307 12.58 10.84 -8.60
N THR B 308 12.85 11.13 -9.87
CA THR B 308 11.98 10.67 -10.94
C THR B 308 12.80 9.99 -12.03
N LEU B 309 14.12 10.05 -11.91
CA LEU B 309 15.03 9.35 -12.81
C LEU B 309 15.88 8.33 -12.08
N LYS B 310 15.79 8.30 -10.74
CA LYS B 310 16.54 7.37 -9.91
C LYS B 310 18.04 7.46 -10.18
N SER B 311 18.57 8.68 -10.20
CA SER B 311 19.98 8.93 -10.45
C SER B 311 20.44 10.10 -9.60
N PHE B 312 21.69 10.50 -9.78
CA PHE B 312 22.26 11.63 -9.08
C PHE B 312 22.88 12.69 -9.99
N THR B 313 23.13 12.37 -11.26
CA THR B 313 23.67 13.32 -12.21
C THR B 313 22.73 13.40 -13.41
N VAL B 314 21.84 14.38 -13.39
CA VAL B 314 20.84 14.54 -14.44
C VAL B 314 21.44 15.39 -15.56
N GLU B 315 20.90 15.21 -16.76
CA GLU B 315 21.37 15.92 -17.94
C GLU B 315 20.36 16.98 -18.37
N LYS B 316 20.67 17.68 -19.45
CA LYS B 316 19.80 18.72 -19.96
C LYS B 316 18.58 18.08 -20.60
N GLY B 317 17.39 18.34 -20.04
CA GLY B 317 16.16 17.78 -20.57
C GLY B 317 14.96 18.04 -19.69
N ILE B 318 13.83 18.35 -20.32
CA ILE B 318 12.58 18.59 -19.59
C ILE B 318 12.10 17.26 -19.02
N TYR B 319 12.06 17.15 -17.70
CA TYR B 319 11.67 15.93 -17.02
C TYR B 319 10.50 16.21 -16.08
N GLN B 320 9.51 15.32 -16.11
CA GLN B 320 8.30 15.49 -15.34
C GLN B 320 8.47 14.95 -13.92
N THR B 321 7.70 15.52 -13.00
CA THR B 321 7.65 15.07 -11.61
C THR B 321 6.19 14.84 -11.22
N SER B 322 5.97 13.87 -10.34
CA SER B 322 4.62 13.48 -9.99
C SER B 322 4.31 13.70 -8.51
N ASN B 323 5.25 13.33 -7.63
CA ASN B 323 4.97 13.31 -6.20
C ASN B 323 6.21 13.63 -5.38
N PHE B 324 6.18 13.27 -4.10
CA PHE B 324 7.29 13.42 -3.15
C PHE B 324 7.44 14.88 -2.73
N ARG B 325 6.49 15.72 -3.07
CA ARG B 325 6.47 17.12 -2.65
C ARG B 325 5.30 17.44 -1.74
N VAL B 326 4.38 16.50 -1.56
CA VAL B 326 3.27 16.67 -0.62
C VAL B 326 3.51 15.79 0.59
N GLN B 327 4.15 14.64 0.37
CA GLN B 327 4.58 13.72 1.43
C GLN B 327 3.41 13.32 2.34
N PRO B 328 2.52 12.45 1.88
CA PRO B 328 1.44 11.96 2.74
C PRO B 328 1.96 11.31 4.01
N THR B 329 1.18 11.45 5.08
CA THR B 329 1.63 11.06 6.41
C THR B 329 0.98 9.79 6.94
N GLU B 330 -0.25 9.48 6.54
CA GLU B 330 -0.96 8.34 7.09
C GLU B 330 -1.50 7.48 5.97
N SER B 331 -1.55 6.17 6.21
CA SER B 331 -2.01 5.19 5.23
C SER B 331 -3.33 4.60 5.72
N ILE B 332 -4.39 4.81 4.95
CA ILE B 332 -5.70 4.28 5.29
C ILE B 332 -5.88 2.91 4.62
N VAL B 333 -6.48 1.97 5.35
CA VAL B 333 -6.75 0.65 4.79
C VAL B 333 -8.24 0.45 4.62
N ARG B 334 -8.98 0.46 5.74
CA ARG B 334 -10.43 0.28 5.75
C ARG B 334 -10.87 -0.87 4.86
N PHE B 335 -10.20 -2.02 4.97
CA PHE B 335 -10.44 -3.13 4.06
C PHE B 335 -11.73 -3.88 4.38
N PRO B 336 -11.90 -4.46 5.58
CA PRO B 336 -13.04 -5.35 5.81
C PRO B 336 -14.25 -4.63 6.38
N ASN B 337 -15.37 -5.35 6.49
CA ASN B 337 -16.56 -4.83 7.15
C ASN B 337 -17.18 -5.89 8.04
N ILE B 338 -16.61 -7.10 8.02
CA ILE B 338 -17.11 -8.21 8.82
C ILE B 338 -15.93 -8.87 9.53
N THR B 339 -16.23 -9.81 10.42
CA THR B 339 -15.20 -10.48 11.19
C THR B 339 -15.34 -12.00 11.14
N ASN B 340 -16.46 -12.48 10.60
CA ASN B 340 -16.72 -13.91 10.55
C ASN B 340 -15.75 -14.60 9.61
N LEU B 341 -15.06 -15.62 10.11
CA LEU B 341 -14.10 -16.35 9.30
C LEU B 341 -14.83 -17.19 8.24
N CYS B 342 -14.09 -17.58 7.21
CA CYS B 342 -14.71 -18.31 6.11
C CYS B 342 -14.62 -19.82 6.35
N PRO B 343 -15.71 -20.55 6.11
CA PRO B 343 -15.70 -22.02 6.28
C PRO B 343 -15.03 -22.73 5.11
N PHE B 344 -13.76 -22.40 4.86
CA PHE B 344 -13.02 -23.07 3.80
C PHE B 344 -12.77 -24.54 4.16
N ASP B 345 -12.70 -24.85 5.45
CA ASP B 345 -12.52 -26.25 5.86
C ASP B 345 -13.73 -27.10 5.52
N GLU B 346 -14.89 -26.46 5.38
CA GLU B 346 -16.10 -27.22 5.03
C GLU B 346 -16.06 -27.69 3.58
N VAL B 347 -15.36 -26.94 2.71
CA VAL B 347 -15.29 -27.29 1.29
C VAL B 347 -13.93 -27.89 0.98
N PHE B 348 -13.17 -28.22 2.02
CA PHE B 348 -11.86 -28.86 1.85
C PHE B 348 -11.73 -30.20 2.54
N ASN B 349 -12.56 -30.48 3.55
CA ASN B 349 -12.53 -31.78 4.22
C ASN B 349 -13.93 -32.17 4.68
N ALA B 350 -14.63 -32.94 3.85
CA ALA B 350 -15.99 -33.38 4.16
C ALA B 350 -16.00 -34.91 4.32
N THR B 351 -17.20 -35.48 4.45
CA THR B 351 -17.35 -36.92 4.62
C THR B 351 -16.82 -37.67 3.40
N THR B 352 -17.42 -37.43 2.23
CA THR B 352 -17.02 -38.08 0.99
C THR B 352 -17.43 -37.16 -0.17
N PHE B 353 -16.43 -36.71 -0.93
CA PHE B 353 -16.71 -35.90 -2.12
C PHE B 353 -17.40 -36.75 -3.18
N ALA B 354 -18.17 -36.09 -4.04
CA ALA B 354 -18.87 -36.79 -5.11
C ALA B 354 -17.90 -37.18 -6.21
N SER B 355 -18.41 -37.78 -7.28
CA SER B 355 -17.59 -38.26 -8.36
C SER B 355 -17.25 -37.10 -9.31
N VAL B 356 -16.68 -37.43 -10.47
CA VAL B 356 -16.26 -36.41 -11.43
C VAL B 356 -17.43 -35.85 -12.24
N TYR B 357 -18.45 -36.65 -12.50
CA TYR B 357 -19.59 -36.20 -13.31
C TYR B 357 -20.55 -35.31 -12.53
N ALA B 358 -20.38 -35.19 -11.21
CA ALA B 358 -21.24 -34.35 -10.38
C ALA B 358 -20.35 -33.60 -9.39
N TRP B 359 -19.93 -32.39 -9.77
CA TRP B 359 -19.10 -31.56 -8.91
C TRP B 359 -19.99 -30.66 -8.06
N ASN B 360 -19.76 -30.67 -6.74
CA ASN B 360 -20.55 -29.89 -5.81
C ASN B 360 -20.01 -28.46 -5.78
N ARG B 361 -20.75 -27.53 -6.36
CA ARG B 361 -20.36 -26.12 -6.38
C ARG B 361 -20.99 -25.44 -5.17
N LYS B 362 -20.16 -25.11 -4.19
CA LYS B 362 -20.59 -24.45 -2.97
C LYS B 362 -20.26 -22.96 -3.08
N ARG B 363 -21.26 -22.14 -3.35
CA ARG B 363 -21.06 -20.71 -3.45
C ARG B 363 -20.88 -20.11 -2.07
N ILE B 364 -19.80 -19.36 -1.89
CA ILE B 364 -19.45 -18.76 -0.61
C ILE B 364 -19.43 -17.24 -0.77
N SER B 365 -20.15 -16.55 0.11
CA SER B 365 -20.21 -15.09 0.08
C SER B 365 -20.21 -14.59 1.53
N ASN B 366 -19.97 -13.28 1.67
CA ASN B 366 -19.88 -12.64 2.98
C ASN B 366 -18.86 -13.36 3.85
N CYS B 367 -17.60 -13.35 3.44
CA CYS B 367 -16.57 -14.14 4.09
C CYS B 367 -15.34 -13.28 4.37
N VAL B 368 -14.30 -13.93 4.87
CA VAL B 368 -12.99 -13.32 5.07
C VAL B 368 -11.96 -14.24 4.44
N ALA B 369 -11.21 -13.72 3.47
CA ALA B 369 -10.27 -14.53 2.69
C ALA B 369 -8.97 -14.68 3.49
N ASP B 370 -8.96 -15.67 4.37
CA ASP B 370 -7.78 -15.99 5.17
C ASP B 370 -7.21 -17.32 4.67
N TYR B 371 -6.30 -17.25 3.70
CA TYR B 371 -5.71 -18.44 3.10
C TYR B 371 -4.53 -18.98 3.91
N SER B 372 -4.32 -18.50 5.13
CA SER B 372 -3.21 -19.00 5.94
C SER B 372 -3.46 -20.43 6.39
N VAL B 373 -4.72 -20.85 6.44
CA VAL B 373 -5.08 -22.18 6.90
C VAL B 373 -4.86 -23.19 5.76
N LEU B 374 -4.64 -22.68 4.55
CA LEU B 374 -4.42 -23.55 3.41
C LEU B 374 -3.03 -24.17 3.40
N TYR B 375 -2.08 -23.61 4.16
CA TYR B 375 -0.72 -24.13 4.21
C TYR B 375 -0.41 -24.90 5.48
N ASN B 376 -1.26 -24.78 6.51
CA ASN B 376 -1.03 -25.43 7.80
C ASN B 376 -2.06 -26.52 8.07
N PHE B 377 -2.48 -27.25 7.04
CA PHE B 377 -3.46 -28.31 7.19
C PHE B 377 -3.30 -29.30 6.05
N ALA B 378 -2.79 -30.50 6.36
CA ALA B 378 -2.63 -31.58 5.40
C ALA B 378 -1.84 -31.12 4.18
N PRO B 379 -0.50 -31.01 4.28
CA PRO B 379 0.29 -30.52 3.14
C PRO B 379 -0.05 -31.20 1.83
N PHE B 380 -0.44 -30.40 0.84
CA PHE B 380 -1.02 -30.93 -0.38
C PHE B 380 0.06 -31.37 -1.36
N PHE B 381 -0.38 -31.78 -2.55
CA PHE B 381 0.53 -32.25 -3.58
C PHE B 381 1.13 -31.09 -4.37
N ALA B 382 0.28 -30.32 -5.04
CA ALA B 382 0.74 -29.21 -5.88
C ALA B 382 -0.22 -28.04 -5.69
N PHE B 383 0.29 -26.94 -5.13
CA PHE B 383 -0.49 -25.74 -4.90
C PHE B 383 -0.35 -24.76 -6.06
N LYS B 384 -0.78 -25.19 -7.25
CA LYS B 384 -0.64 -24.38 -8.46
C LYS B 384 -1.76 -23.34 -8.55
N CYS B 385 -1.42 -22.07 -8.32
CA CYS B 385 -2.40 -20.98 -8.42
C CYS B 385 -2.17 -20.24 -9.73
N TYR B 386 -3.08 -20.43 -10.68
CA TYR B 386 -2.99 -19.75 -11.97
C TYR B 386 -3.59 -18.35 -11.86
N GLY B 387 -3.27 -17.52 -12.86
CA GLY B 387 -3.81 -16.18 -12.93
C GLY B 387 -3.16 -15.21 -11.95
N VAL B 388 -3.31 -15.48 -10.66
CA VAL B 388 -2.74 -14.63 -9.63
C VAL B 388 -1.53 -15.31 -9.01
N SER B 389 -0.78 -14.58 -8.19
CA SER B 389 0.41 -15.14 -7.56
C SER B 389 0.01 -16.23 -6.56
N PRO B 390 0.82 -17.29 -6.44
CA PRO B 390 0.51 -18.33 -5.44
C PRO B 390 0.45 -17.79 -4.03
N THR B 391 1.41 -16.96 -3.63
CA THR B 391 1.39 -16.32 -2.32
C THR B 391 0.77 -14.93 -2.42
N LYS B 392 0.80 -14.18 -1.32
CA LYS B 392 0.25 -12.83 -1.27
C LYS B 392 -1.21 -12.81 -1.67
N LEU B 393 -1.96 -13.80 -1.18
CA LEU B 393 -3.39 -13.90 -1.44
C LEU B 393 -4.24 -13.32 -0.33
N ASN B 394 -3.66 -12.93 0.81
CA ASN B 394 -4.40 -12.36 1.92
C ASN B 394 -4.61 -10.86 1.78
N ASP B 395 -4.24 -10.28 0.63
CA ASP B 395 -4.42 -8.85 0.38
C ASP B 395 -5.39 -8.57 -0.74
N LEU B 396 -5.30 -9.28 -1.85
CA LEU B 396 -6.23 -9.07 -2.96
C LEU B 396 -7.61 -9.61 -2.60
N CYS B 397 -8.61 -8.72 -2.68
CA CYS B 397 -9.97 -9.06 -2.31
C CYS B 397 -10.80 -9.33 -3.55
N PHE B 398 -11.73 -10.27 -3.45
CA PHE B 398 -12.64 -10.63 -4.53
C PHE B 398 -14.08 -10.41 -4.08
N THR B 399 -15.03 -10.77 -4.94
CA THR B 399 -16.45 -10.60 -4.66
C THR B 399 -17.09 -11.88 -4.15
N ASN B 400 -17.00 -12.96 -4.92
CA ASN B 400 -17.57 -14.25 -4.55
C ASN B 400 -16.55 -15.33 -4.84
N VAL B 401 -16.48 -16.33 -3.96
CA VAL B 401 -15.50 -17.40 -4.06
C VAL B 401 -16.27 -18.71 -4.22
N TYR B 402 -16.06 -19.38 -5.35
CA TYR B 402 -16.66 -20.69 -5.61
C TYR B 402 -15.65 -21.79 -5.29
N ALA B 403 -16.17 -22.96 -4.92
CA ALA B 403 -15.33 -24.09 -4.53
C ALA B 403 -15.96 -25.37 -5.06
N ASP B 404 -15.19 -26.12 -5.84
CA ASP B 404 -15.63 -27.41 -6.35
C ASP B 404 -15.04 -28.54 -5.49
N SER B 405 -15.57 -29.75 -5.70
CA SER B 405 -15.12 -30.90 -4.91
C SER B 405 -15.36 -32.16 -5.74
N PHE B 406 -14.29 -32.70 -6.32
CA PHE B 406 -14.35 -33.98 -7.01
C PHE B 406 -13.04 -34.74 -6.83
N VAL B 407 -12.99 -36.00 -7.25
CA VAL B 407 -11.84 -36.85 -7.01
C VAL B 407 -11.50 -37.58 -8.31
N ILE B 408 -10.23 -37.56 -8.69
CA ILE B 408 -9.76 -38.25 -9.89
C ILE B 408 -8.54 -39.09 -9.53
N ARG B 409 -7.97 -39.78 -10.51
CA ARG B 409 -6.78 -40.59 -10.29
C ARG B 409 -5.52 -39.73 -10.34
N GLY B 410 -4.41 -40.32 -9.92
CA GLY B 410 -3.15 -39.58 -9.88
C GLY B 410 -2.60 -39.25 -11.25
N ASN B 411 -2.95 -40.06 -12.26
CA ASN B 411 -2.42 -39.84 -13.60
C ASN B 411 -2.98 -38.59 -14.25
N GLU B 412 -4.14 -38.10 -13.79
CA GLU B 412 -4.79 -36.95 -14.40
C GLU B 412 -4.92 -35.76 -13.45
N VAL B 413 -4.09 -35.72 -12.40
CA VAL B 413 -4.11 -34.58 -11.48
C VAL B 413 -3.62 -33.30 -12.11
N SER B 414 -2.91 -33.38 -13.24
CA SER B 414 -2.44 -32.21 -13.96
C SER B 414 -3.35 -31.82 -15.12
N GLN B 415 -4.25 -32.72 -15.53
CA GLN B 415 -5.18 -32.41 -16.62
C GLN B 415 -6.19 -31.34 -16.22
N ILE B 416 -6.42 -31.15 -14.93
CA ILE B 416 -7.32 -30.09 -14.46
C ILE B 416 -6.53 -28.79 -14.38
N ALA B 417 -6.48 -28.06 -15.49
CA ALA B 417 -5.70 -26.84 -15.60
C ALA B 417 -6.11 -26.14 -16.89
N PRO B 418 -5.92 -24.81 -16.96
CA PRO B 418 -6.29 -24.09 -18.19
C PRO B 418 -5.51 -24.56 -19.41
N GLY B 419 -6.22 -25.13 -20.38
CA GLY B 419 -5.58 -25.56 -21.62
C GLY B 419 -5.33 -27.06 -21.69
N GLN B 420 -5.09 -27.68 -20.54
CA GLN B 420 -4.78 -29.10 -20.50
C GLN B 420 -5.98 -29.93 -20.91
N THR B 421 -5.74 -30.97 -21.71
CA THR B 421 -6.76 -31.88 -22.18
C THR B 421 -6.48 -33.29 -21.66
N GLY B 422 -7.29 -34.24 -22.10
CA GLY B 422 -7.13 -35.62 -21.69
C GLY B 422 -8.43 -36.38 -21.56
N ASN B 423 -8.64 -37.03 -20.41
CA ASN B 423 -9.84 -37.80 -20.15
C ASN B 423 -10.87 -37.01 -19.34
N ILE B 424 -10.48 -36.52 -18.17
CA ILE B 424 -11.41 -35.73 -17.36
C ILE B 424 -11.47 -34.30 -17.86
N ALA B 425 -10.58 -33.91 -18.76
CA ALA B 425 -10.56 -32.56 -19.34
C ALA B 425 -11.20 -32.51 -20.72
N ASP B 426 -11.88 -33.58 -21.13
CA ASP B 426 -12.56 -33.59 -22.42
C ASP B 426 -14.03 -33.94 -22.24
N TYR B 427 -14.32 -34.90 -21.37
CA TYR B 427 -15.68 -35.38 -21.14
C TYR B 427 -16.13 -35.21 -19.69
N ASN B 428 -15.48 -34.32 -18.94
CA ASN B 428 -15.83 -34.09 -17.55
C ASN B 428 -15.59 -32.63 -17.18
N TYR B 429 -15.45 -32.36 -15.88
CA TYR B 429 -15.22 -30.99 -15.42
C TYR B 429 -13.99 -30.39 -16.08
N LYS B 430 -14.13 -29.15 -16.55
CA LYS B 430 -13.05 -28.48 -17.26
C LYS B 430 -12.75 -27.13 -16.62
N LEU B 431 -11.89 -26.34 -17.26
CA LEU B 431 -11.48 -25.04 -16.75
C LEU B 431 -11.24 -24.12 -17.93
N PRO B 432 -11.74 -22.88 -17.87
CA PRO B 432 -11.57 -21.96 -18.99
C PRO B 432 -10.14 -21.45 -19.12
N ASP B 433 -9.87 -20.83 -20.28
CA ASP B 433 -8.54 -20.29 -20.54
C ASP B 433 -8.21 -19.17 -19.55
N ASP B 434 -9.12 -18.23 -19.38
CA ASP B 434 -8.95 -17.16 -18.41
C ASP B 434 -9.63 -17.57 -17.11
N PHE B 435 -8.83 -17.96 -16.13
CA PHE B 435 -9.35 -18.46 -14.85
C PHE B 435 -8.43 -17.97 -13.75
N THR B 436 -8.86 -16.95 -13.01
CA THR B 436 -8.07 -16.38 -11.93
C THR B 436 -8.38 -17.07 -10.60
N GLY B 437 -8.26 -18.40 -10.64
CA GLY B 437 -8.47 -19.21 -9.45
C GLY B 437 -7.23 -19.98 -9.06
N CYS B 438 -7.41 -21.08 -8.31
CA CYS B 438 -6.27 -21.90 -7.91
C CYS B 438 -6.76 -23.32 -7.68
N VAL B 439 -6.44 -24.22 -8.61
CA VAL B 439 -6.76 -25.63 -8.44
C VAL B 439 -5.78 -26.26 -7.47
N ILE B 440 -6.31 -27.02 -6.51
CA ILE B 440 -5.49 -27.65 -5.48
C ILE B 440 -5.96 -29.08 -5.29
N ALA B 441 -5.01 -30.00 -5.15
CA ALA B 441 -5.31 -31.42 -4.99
C ALA B 441 -4.42 -32.03 -3.91
N TRP B 442 -4.82 -33.21 -3.43
CA TRP B 442 -4.06 -33.92 -2.42
C TRP B 442 -4.42 -35.40 -2.50
N ASN B 443 -3.50 -36.25 -2.06
CA ASN B 443 -3.73 -37.69 -2.11
C ASN B 443 -4.79 -38.10 -1.10
N SER B 444 -5.60 -39.10 -1.49
CA SER B 444 -6.66 -39.58 -0.62
C SER B 444 -6.79 -41.10 -0.64
N ASN B 445 -5.66 -41.81 -0.79
CA ASN B 445 -5.72 -43.27 -0.87
C ASN B 445 -6.06 -43.89 0.48
N LYS B 446 -6.15 -43.07 1.53
CA LYS B 446 -6.45 -43.59 2.86
C LYS B 446 -7.88 -44.09 2.94
N LEU B 447 -8.85 -43.21 2.68
CA LEU B 447 -10.25 -43.57 2.83
C LEU B 447 -10.98 -43.75 1.50
N ASP B 448 -10.45 -43.20 0.41
CA ASP B 448 -11.06 -43.32 -0.91
C ASP B 448 -10.60 -44.55 -1.67
N SER B 449 -10.14 -45.59 -0.97
CA SER B 449 -9.70 -46.82 -1.62
C SER B 449 -9.85 -47.98 -0.64
N THR B 450 -10.58 -49.01 -1.04
CA THR B 450 -10.81 -50.18 -0.23
C THR B 450 -10.24 -51.42 -0.91
N VAL B 451 -10.02 -52.46 -0.12
CA VAL B 451 -9.47 -53.71 -0.65
C VAL B 451 -10.44 -54.33 -1.66
N GLY B 452 -11.73 -54.37 -1.31
CA GLY B 452 -12.72 -54.90 -2.23
C GLY B 452 -12.90 -54.01 -3.45
N GLY B 453 -12.94 -52.71 -3.24
CA GLY B 453 -13.07 -51.75 -4.33
C GLY B 453 -14.15 -50.71 -4.09
N ASN B 454 -13.77 -49.44 -4.19
CA ASN B 454 -14.71 -48.34 -4.01
C ASN B 454 -15.30 -48.01 -5.38
N TYR B 455 -16.38 -48.72 -5.72
CA TYR B 455 -17.03 -48.57 -7.01
C TYR B 455 -17.98 -47.38 -7.09
N ASN B 456 -17.98 -46.50 -6.07
CA ASN B 456 -18.88 -45.36 -6.08
C ASN B 456 -18.43 -44.31 -7.09
N TYR B 457 -17.12 -44.07 -7.17
CA TYR B 457 -16.60 -43.03 -8.05
C TYR B 457 -16.60 -43.51 -9.49
N ARG B 458 -17.15 -42.70 -10.39
CA ARG B 458 -17.22 -43.01 -11.80
C ARG B 458 -16.90 -41.76 -12.62
N TYR B 459 -16.59 -41.97 -13.90
CA TYR B 459 -16.26 -40.89 -14.81
C TYR B 459 -16.86 -41.17 -16.18
N ARG B 460 -17.07 -40.11 -16.95
CA ARG B 460 -17.63 -40.23 -18.30
C ARG B 460 -16.51 -40.26 -19.33
N LEU B 461 -16.65 -41.19 -20.28
CA LEU B 461 -15.68 -41.31 -21.37
C LEU B 461 -16.39 -41.51 -22.70
N PHE B 462 -17.69 -41.78 -22.66
CA PHE B 462 -18.49 -42.00 -23.86
C PHE B 462 -19.41 -40.80 -24.07
N ARG B 463 -18.91 -39.82 -24.81
CA ARG B 463 -19.63 -38.60 -25.14
C ARG B 463 -19.58 -38.35 -26.65
N LYS B 464 -20.62 -37.71 -27.16
CA LYS B 464 -20.69 -37.39 -28.59
C LYS B 464 -19.90 -36.12 -28.90
N SER B 465 -20.26 -35.01 -28.26
CA SER B 465 -19.56 -33.75 -28.47
C SER B 465 -18.72 -33.43 -27.24
N LYS B 466 -18.02 -32.30 -27.29
CA LYS B 466 -17.19 -31.86 -26.17
C LYS B 466 -18.04 -31.10 -25.16
N LEU B 467 -17.42 -30.75 -24.03
CA LEU B 467 -18.08 -30.01 -22.98
C LEU B 467 -17.54 -28.58 -22.90
N LYS B 468 -18.32 -27.72 -22.26
CA LYS B 468 -17.97 -26.33 -22.06
C LYS B 468 -17.62 -26.09 -20.60
N PRO B 469 -16.83 -25.07 -20.30
CA PRO B 469 -16.40 -24.83 -18.92
C PRO B 469 -17.58 -24.65 -17.97
N PHE B 470 -17.46 -25.24 -16.79
CA PHE B 470 -18.47 -25.16 -15.74
C PHE B 470 -19.81 -25.72 -16.20
N GLU B 471 -19.78 -26.99 -16.57
CA GLU B 471 -20.97 -27.74 -16.94
C GLU B 471 -21.07 -29.01 -16.12
N ARG B 472 -22.30 -29.40 -15.79
CA ARG B 472 -22.58 -30.58 -14.96
C ARG B 472 -23.48 -31.50 -15.77
N ASP B 473 -22.86 -32.38 -16.56
CA ASP B 473 -23.61 -33.34 -17.38
C ASP B 473 -23.90 -34.56 -16.52
N ILE B 474 -25.14 -34.68 -16.06
CA ILE B 474 -25.54 -35.79 -15.20
C ILE B 474 -26.41 -36.75 -15.98
N SER B 475 -26.28 -36.74 -17.30
CA SER B 475 -27.08 -37.64 -18.13
C SER B 475 -26.63 -39.08 -17.94
N THR B 476 -27.60 -39.99 -17.85
CA THR B 476 -27.36 -41.42 -17.67
C THR B 476 -27.99 -42.21 -18.80
N GLU B 477 -27.84 -41.70 -20.02
CA GLU B 477 -28.41 -42.34 -21.20
C GLU B 477 -27.43 -43.38 -21.74
N ILE B 478 -27.76 -43.96 -22.90
CA ILE B 478 -26.92 -44.96 -23.54
C ILE B 478 -26.29 -44.32 -24.77
N TYR B 479 -24.95 -44.33 -24.82
CA TYR B 479 -24.22 -43.72 -25.92
C TYR B 479 -24.04 -44.71 -27.07
N GLN B 480 -24.20 -44.23 -28.29
CA GLN B 480 -24.02 -45.04 -29.48
C GLN B 480 -23.76 -44.14 -30.67
N ALA B 481 -22.60 -44.31 -31.30
CA ALA B 481 -22.26 -43.52 -32.48
C ALA B 481 -21.67 -44.32 -33.63
N GLY B 482 -21.30 -45.58 -33.43
CA GLY B 482 -20.70 -46.37 -34.48
C GLY B 482 -21.70 -46.92 -35.48
N ASN B 483 -22.90 -47.23 -35.01
CA ASN B 483 -23.93 -47.79 -35.87
C ASN B 483 -25.32 -47.35 -35.41
N LYS B 484 -26.35 -48.09 -35.83
CA LYS B 484 -27.71 -47.77 -35.44
C LYS B 484 -27.84 -47.79 -33.91
N PRO B 485 -28.67 -46.92 -33.33
CA PRO B 485 -28.77 -46.88 -31.87
C PRO B 485 -29.35 -48.16 -31.31
N CYS B 486 -28.87 -48.54 -30.11
CA CYS B 486 -29.37 -49.74 -29.45
C CYS B 486 -30.72 -49.53 -28.78
N ASN B 487 -31.29 -48.33 -28.87
CA ASN B 487 -32.57 -48.00 -28.24
C ASN B 487 -32.51 -48.20 -26.73
N GLY B 488 -31.33 -47.95 -26.16
CA GLY B 488 -31.15 -48.02 -24.72
C GLY B 488 -31.21 -49.43 -24.16
N VAL B 489 -30.37 -50.33 -24.69
CA VAL B 489 -30.28 -51.68 -24.16
C VAL B 489 -28.87 -52.05 -23.72
N ALA B 490 -27.86 -51.28 -24.12
CA ALA B 490 -26.47 -51.52 -23.75
C ALA B 490 -26.02 -52.93 -24.14
N GLY B 491 -26.08 -53.20 -25.44
CA GLY B 491 -25.69 -54.50 -25.95
C GLY B 491 -24.35 -54.48 -26.67
N VAL B 492 -24.33 -54.96 -27.91
CA VAL B 492 -23.09 -54.98 -28.68
C VAL B 492 -22.75 -53.57 -29.12
N ASN B 493 -21.52 -53.14 -28.83
CA ASN B 493 -21.03 -51.80 -29.17
C ASN B 493 -21.90 -50.72 -28.52
N CYS B 494 -22.51 -51.07 -27.39
CA CYS B 494 -23.34 -50.16 -26.63
C CYS B 494 -23.08 -50.37 -25.15
N TYR B 495 -22.64 -49.32 -24.47
CA TYR B 495 -22.24 -49.42 -23.08
C TYR B 495 -22.68 -48.16 -22.33
N PHE B 496 -22.46 -48.16 -21.02
CA PHE B 496 -22.84 -47.04 -20.17
C PHE B 496 -21.69 -46.05 -20.10
N PRO B 497 -21.95 -44.74 -20.15
CA PRO B 497 -20.85 -43.77 -20.13
C PRO B 497 -20.06 -43.75 -18.82
N LEU B 498 -20.66 -44.18 -17.72
CA LEU B 498 -19.98 -44.16 -16.43
C LEU B 498 -19.21 -45.47 -16.25
N GLN B 499 -17.88 -45.37 -16.21
CA GLN B 499 -17.01 -46.53 -16.02
C GLN B 499 -16.46 -46.45 -14.60
N SER B 500 -16.80 -47.45 -13.78
CA SER B 500 -16.37 -47.47 -12.40
C SER B 500 -14.87 -47.77 -12.32
N TYR B 501 -14.07 -46.74 -12.04
CA TYR B 501 -12.63 -46.89 -11.88
C TYR B 501 -12.28 -46.97 -10.40
N GLY B 502 -12.76 -48.06 -9.78
CA GLY B 502 -12.54 -48.29 -8.37
C GLY B 502 -11.07 -48.34 -7.98
N PHE B 503 -10.71 -47.55 -6.98
CA PHE B 503 -9.33 -47.46 -6.53
C PHE B 503 -9.00 -48.61 -5.59
N ARG B 504 -7.82 -49.19 -5.77
CA ARG B 504 -7.32 -50.29 -4.95
C ARG B 504 -6.05 -49.86 -4.23
N PRO B 505 -5.87 -50.28 -2.98
CA PRO B 505 -4.65 -49.93 -2.24
C PRO B 505 -3.38 -50.57 -2.80
N THR B 506 -3.50 -51.57 -3.65
CA THR B 506 -2.34 -52.23 -4.25
C THR B 506 -1.84 -51.54 -5.51
N TYR B 507 -2.45 -50.42 -5.90
CA TYR B 507 -2.02 -49.67 -7.07
C TYR B 507 -0.86 -48.74 -6.72
N GLY B 508 -0.22 -48.21 -7.76
CA GLY B 508 0.87 -47.28 -7.58
C GLY B 508 0.39 -45.87 -7.28
N VAL B 509 1.35 -44.97 -7.12
CA VAL B 509 1.02 -43.57 -6.81
C VAL B 509 0.29 -42.92 -7.99
N GLY B 510 0.44 -43.46 -9.19
CA GLY B 510 -0.23 -42.90 -10.34
C GLY B 510 -1.71 -43.23 -10.41
N HIS B 511 -2.12 -44.30 -9.73
CA HIS B 511 -3.51 -44.72 -9.72
C HIS B 511 -4.22 -44.45 -8.40
N GLN B 512 -3.52 -43.89 -7.42
CA GLN B 512 -4.16 -43.57 -6.15
C GLN B 512 -5.17 -42.42 -6.34
N PRO B 513 -6.26 -42.41 -5.59
CA PRO B 513 -7.23 -41.32 -5.74
C PRO B 513 -6.71 -40.01 -5.16
N TYR B 514 -7.10 -38.91 -5.79
CA TYR B 514 -6.71 -37.57 -5.36
C TYR B 514 -7.93 -36.68 -5.28
N ARG B 515 -8.16 -36.12 -4.10
CA ARG B 515 -9.26 -35.17 -3.90
C ARG B 515 -8.78 -33.78 -4.30
N VAL B 516 -9.41 -33.21 -5.33
CA VAL B 516 -9.00 -31.94 -5.91
C VAL B 516 -10.13 -30.94 -5.76
N VAL B 517 -9.80 -29.75 -5.25
CA VAL B 517 -10.73 -28.64 -5.09
C VAL B 517 -10.32 -27.53 -6.04
N VAL B 518 -11.27 -27.07 -6.85
CA VAL B 518 -10.98 -26.01 -7.82
C VAL B 518 -11.62 -24.71 -7.35
N LEU B 519 -10.82 -23.87 -6.69
CA LEU B 519 -11.33 -22.59 -6.22
C LEU B 519 -11.46 -21.61 -7.38
N SER B 520 -12.58 -20.89 -7.41
CA SER B 520 -12.86 -19.89 -8.44
C SER B 520 -13.02 -18.53 -7.78
N PHE B 521 -12.20 -17.56 -8.20
CA PHE B 521 -12.21 -16.22 -7.65
C PHE B 521 -12.80 -15.28 -8.70
N GLU B 522 -14.05 -14.86 -8.48
CA GLU B 522 -14.73 -13.93 -9.36
C GLU B 522 -14.44 -12.50 -8.95
N LEU B 523 -14.62 -11.58 -9.90
CA LEU B 523 -14.43 -10.15 -9.68
C LEU B 523 -15.51 -9.41 -10.47
N LEU B 524 -16.64 -9.14 -9.80
CA LEU B 524 -17.75 -8.46 -10.44
C LEU B 524 -17.78 -6.99 -10.02
N HIS B 525 -18.56 -6.21 -10.75
CA HIS B 525 -18.76 -4.79 -10.45
C HIS B 525 -19.85 -4.65 -9.38
N ALA B 526 -19.53 -5.19 -8.21
CA ALA B 526 -20.45 -5.20 -7.08
C ALA B 526 -19.63 -5.05 -5.81
N PRO B 527 -20.26 -4.61 -4.71
CA PRO B 527 -19.53 -4.51 -3.44
C PRO B 527 -18.97 -5.86 -3.03
N ALA B 528 -17.67 -5.87 -2.73
CA ALA B 528 -16.99 -7.10 -2.35
C ALA B 528 -17.51 -7.62 -1.01
N THR B 529 -17.51 -8.94 -0.86
CA THR B 529 -18.02 -9.57 0.34
C THR B 529 -17.01 -10.48 1.04
N VAL B 530 -15.91 -10.85 0.39
CA VAL B 530 -14.89 -11.72 0.97
C VAL B 530 -13.53 -11.08 0.69
N CYS B 531 -12.96 -10.42 1.70
CA CYS B 531 -11.66 -9.77 1.59
C CYS B 531 -10.68 -10.46 2.52
N GLY B 532 -9.44 -9.98 2.49
CA GLY B 532 -8.37 -10.55 3.29
C GLY B 532 -8.44 -10.13 4.74
N PRO B 533 -7.53 -10.67 5.56
CA PRO B 533 -7.55 -10.36 7.00
C PRO B 533 -6.96 -9.00 7.34
N LYS B 534 -6.74 -8.12 6.36
CA LYS B 534 -6.17 -6.81 6.62
C LYS B 534 -7.01 -6.03 7.62
N LYS B 535 -6.34 -5.32 8.53
CA LYS B 535 -7.02 -4.58 9.59
C LYS B 535 -7.64 -3.29 9.05
N SER B 536 -8.21 -2.49 9.94
CA SER B 536 -8.89 -1.25 9.58
C SER B 536 -8.12 -0.07 10.14
N THR B 537 -8.44 1.11 9.62
CA THR B 537 -7.78 2.36 10.02
C THR B 537 -8.80 3.48 10.15
N ASN B 538 -8.31 4.72 10.27
CA ASN B 538 -9.18 5.88 10.39
C ASN B 538 -9.24 6.60 9.05
N LEU B 539 -10.43 7.03 8.67
CA LEU B 539 -10.65 7.71 7.40
C LEU B 539 -10.32 9.19 7.57
N VAL B 540 -9.17 9.60 7.08
CA VAL B 540 -8.75 11.00 7.16
C VAL B 540 -9.23 11.72 5.90
N LYS B 541 -9.92 12.84 6.10
CA LYS B 541 -10.48 13.62 5.01
C LYS B 541 -9.72 14.93 4.84
N ASN B 542 -9.72 15.43 3.61
CA ASN B 542 -9.07 16.70 3.26
C ASN B 542 -7.60 16.69 3.63
N LYS B 543 -6.94 15.57 3.36
CA LYS B 543 -5.52 15.43 3.68
C LYS B 543 -4.93 14.35 2.80
N CYS B 544 -3.70 14.59 2.33
CA CYS B 544 -3.03 13.63 1.45
C CYS B 544 -2.68 12.37 2.23
N VAL B 545 -3.20 11.23 1.78
CA VAL B 545 -3.00 9.94 2.43
C VAL B 545 -2.65 8.91 1.37
N ASN B 546 -2.33 7.70 1.83
CA ASN B 546 -2.04 6.56 0.96
C ASN B 546 -3.09 5.49 1.27
N PHE B 547 -4.20 5.54 0.55
CA PHE B 547 -5.35 4.68 0.83
C PHE B 547 -5.37 3.46 -0.09
N ASN B 548 -5.67 2.31 0.51
CA ASN B 548 -5.87 1.05 -0.23
C ASN B 548 -7.11 0.38 0.37
N PHE B 549 -8.28 0.71 -0.19
CA PHE B 549 -9.55 0.22 0.36
C PHE B 549 -9.78 -1.24 -0.01
N ASN B 550 -9.89 -1.53 -1.30
CA ASN B 550 -10.13 -2.89 -1.76
C ASN B 550 -9.20 -3.25 -2.91
N GLY B 551 -7.91 -2.94 -2.75
CA GLY B 551 -6.93 -3.16 -3.78
C GLY B 551 -6.67 -1.97 -4.69
N LEU B 552 -7.43 -0.89 -4.54
CA LEU B 552 -7.24 0.32 -5.35
C LEU B 552 -6.18 1.16 -4.67
N THR B 553 -4.92 0.79 -4.86
CA THR B 553 -3.79 1.50 -4.26
C THR B 553 -3.63 2.85 -4.97
N GLY B 554 -4.04 3.92 -4.32
CA GLY B 554 -3.94 5.24 -4.90
C GLY B 554 -3.58 6.26 -3.84
N THR B 555 -2.82 7.27 -4.27
CA THR B 555 -2.39 8.37 -3.41
C THR B 555 -3.06 9.65 -3.88
N GLY B 556 -3.88 10.24 -3.00
CA GLY B 556 -4.59 11.46 -3.33
C GLY B 556 -5.43 11.97 -2.19
N VAL B 557 -5.76 13.26 -2.22
CA VAL B 557 -6.58 13.88 -1.18
C VAL B 557 -8.02 13.41 -1.36
N LEU B 558 -8.57 12.79 -0.32
CA LEU B 558 -9.93 12.28 -0.34
C LEU B 558 -10.88 13.35 0.21
N THR B 559 -11.73 13.87 -0.66
CA THR B 559 -12.71 14.89 -0.30
C THR B 559 -14.12 14.38 -0.57
N GLU B 560 -15.10 15.06 0.01
CA GLU B 560 -16.49 14.72 -0.18
C GLU B 560 -17.04 15.41 -1.42
N SER B 561 -17.67 14.62 -2.30
CA SER B 561 -18.19 15.11 -3.56
C SER B 561 -19.71 14.93 -3.59
N ASN B 562 -20.35 15.61 -4.54
CA ASN B 562 -21.79 15.54 -4.71
C ASN B 562 -22.21 14.54 -5.78
N LYS B 563 -21.30 13.67 -6.23
CA LYS B 563 -21.63 12.69 -7.24
C LYS B 563 -22.65 11.69 -6.70
N LYS B 564 -23.69 11.41 -7.48
CA LYS B 564 -24.77 10.53 -7.01
C LYS B 564 -24.29 9.09 -6.89
N PHE B 565 -23.71 8.54 -7.95
CA PHE B 565 -23.27 7.15 -7.98
C PHE B 565 -21.87 7.07 -8.55
N LEU B 566 -21.13 6.04 -8.15
CA LEU B 566 -19.75 5.88 -8.58
C LEU B 566 -19.71 5.54 -10.07
N PRO B 567 -19.02 6.31 -10.89
CA PRO B 567 -18.92 5.98 -12.32
C PRO B 567 -18.12 4.71 -12.53
N PHE B 568 -18.36 4.08 -13.68
CA PHE B 568 -17.72 2.81 -14.05
C PHE B 568 -17.13 2.97 -15.45
N GLN B 569 -15.89 3.47 -15.50
CA GLN B 569 -15.23 3.75 -16.77
C GLN B 569 -14.87 2.44 -17.46
N GLN B 570 -15.63 2.09 -18.50
CA GLN B 570 -15.36 0.87 -19.25
C GLN B 570 -15.43 1.04 -20.76
N PHE B 571 -15.76 2.24 -21.28
CA PHE B 571 -15.80 2.43 -22.73
C PHE B 571 -14.39 2.63 -23.28
N GLY B 572 -13.67 3.62 -22.76
CA GLY B 572 -12.31 3.86 -23.15
C GLY B 572 -11.27 3.00 -22.46
N ARG B 573 -11.69 2.23 -21.45
CA ARG B 573 -10.84 1.28 -20.74
C ARG B 573 -9.73 1.96 -19.94
N ASP B 574 -9.66 3.29 -20.01
CA ASP B 574 -8.69 4.09 -19.26
C ASP B 574 -7.26 3.59 -19.50
N ILE B 575 -6.82 3.70 -20.75
CA ILE B 575 -5.47 3.25 -21.10
C ILE B 575 -4.42 4.06 -20.39
N ALA B 576 -4.51 5.38 -20.43
CA ALA B 576 -3.55 6.27 -19.79
C ALA B 576 -4.22 7.19 -18.78
N ASP B 577 -5.22 6.69 -18.07
CA ASP B 577 -5.95 7.48 -17.08
C ASP B 577 -6.32 6.59 -15.91
N THR B 578 -6.27 7.17 -14.70
CA THR B 578 -6.61 6.46 -13.48
C THR B 578 -8.04 6.80 -13.06
N THR B 579 -8.43 6.30 -11.89
CA THR B 579 -9.76 6.56 -11.36
C THR B 579 -9.80 7.93 -10.70
N ASP B 580 -11.03 8.39 -10.42
CA ASP B 580 -11.25 9.69 -9.82
C ASP B 580 -12.08 9.61 -8.54
N ALA B 581 -12.71 8.46 -8.27
CA ALA B 581 -13.53 8.31 -7.07
C ALA B 581 -13.58 6.84 -6.69
N VAL B 582 -13.74 6.60 -5.38
CA VAL B 582 -13.82 5.26 -4.83
C VAL B 582 -14.93 5.22 -3.79
N ARG B 583 -15.38 4.01 -3.47
CA ARG B 583 -16.44 3.78 -2.50
C ARG B 583 -15.84 3.20 -1.24
N ASP B 584 -16.17 3.78 -0.09
CA ASP B 584 -15.65 3.32 1.18
C ASP B 584 -16.28 1.98 1.55
N PRO B 585 -15.48 0.96 1.88
CA PRO B 585 -16.04 -0.35 2.22
C PRO B 585 -16.80 -0.39 3.54
N GLN B 586 -16.62 0.59 4.41
CA GLN B 586 -17.30 0.59 5.70
C GLN B 586 -18.69 1.22 5.59
N THR B 587 -18.73 2.48 5.15
CA THR B 587 -20.00 3.16 4.94
C THR B 587 -20.19 3.49 3.47
N LEU B 588 -21.44 3.53 3.03
CA LEU B 588 -21.75 3.75 1.62
C LEU B 588 -21.61 5.22 1.26
N GLU B 589 -20.43 5.79 1.49
CA GLU B 589 -20.17 7.18 1.12
C GLU B 589 -19.31 7.24 -0.13
N ILE B 590 -19.60 8.21 -0.98
CA ILE B 590 -18.89 8.40 -2.24
C ILE B 590 -17.78 9.42 -2.00
N LEU B 591 -16.53 8.96 -2.00
CA LEU B 591 -15.37 9.82 -1.84
C LEU B 591 -14.74 10.10 -3.20
N ASP B 592 -14.16 11.28 -3.34
CA ASP B 592 -13.56 11.74 -4.58
C ASP B 592 -12.04 11.80 -4.42
N ILE B 593 -11.33 11.22 -5.38
CA ILE B 593 -9.87 11.18 -5.36
C ILE B 593 -9.35 12.39 -6.11
N THR B 594 -8.73 13.32 -5.37
CA THR B 594 -8.12 14.50 -5.97
C THR B 594 -6.61 14.43 -5.81
N PRO B 595 -5.84 14.81 -6.83
CA PRO B 595 -4.39 14.79 -6.69
C PRO B 595 -3.91 15.79 -5.64
N CYS B 596 -2.99 15.34 -4.79
CA CYS B 596 -2.50 16.14 -3.68
C CYS B 596 -1.79 17.39 -4.17
N SER B 597 -0.72 17.21 -4.93
CA SER B 597 0.05 18.34 -5.46
C SER B 597 0.46 18.01 -6.89
N PHE B 598 -0.25 18.58 -7.85
CA PHE B 598 0.03 18.33 -9.26
C PHE B 598 -0.33 19.59 -10.04
N GLY B 599 -0.44 19.46 -11.36
CA GLY B 599 -0.70 20.60 -12.21
C GLY B 599 0.16 20.59 -13.45
N GLY B 600 0.85 19.48 -13.68
CA GLY B 600 1.71 19.36 -14.84
C GLY B 600 3.02 20.10 -14.68
N VAL B 601 3.80 19.71 -13.66
CA VAL B 601 5.05 20.39 -13.35
C VAL B 601 6.19 19.67 -14.05
N SER B 602 6.88 20.40 -14.94
CA SER B 602 8.05 19.87 -15.64
C SER B 602 9.25 20.73 -15.28
N VAL B 603 10.29 20.08 -14.77
CA VAL B 603 11.48 20.76 -14.28
C VAL B 603 12.48 20.89 -15.41
N ILE B 604 13.10 22.07 -15.52
CA ILE B 604 14.11 22.34 -16.54
C ILE B 604 15.41 22.59 -15.79
N THR B 605 16.36 21.67 -15.94
CA THR B 605 17.67 21.78 -15.29
C THR B 605 18.77 21.62 -16.33
N PRO B 606 19.69 22.58 -16.47
CA PRO B 606 20.77 22.46 -17.46
C PRO B 606 21.90 21.56 -16.97
N GLY B 607 21.54 20.40 -16.42
CA GLY B 607 22.51 19.44 -15.96
C GLY B 607 23.11 19.78 -14.60
N THR B 608 23.23 18.78 -13.74
CA THR B 608 23.86 19.00 -12.43
C THR B 608 25.36 19.24 -12.59
N ASN B 609 25.95 18.78 -13.69
CA ASN B 609 27.38 18.99 -13.92
C ASN B 609 27.69 20.46 -14.11
N THR B 610 26.77 21.21 -14.72
CA THR B 610 27.01 22.63 -14.97
C THR B 610 26.83 23.46 -13.71
N SER B 611 25.62 23.45 -13.15
CA SER B 611 25.33 24.24 -11.96
C SER B 611 24.10 23.65 -11.27
N ASN B 612 23.52 24.41 -10.34
CA ASN B 612 22.35 23.97 -9.60
C ASN B 612 21.19 24.95 -9.76
N GLN B 613 21.17 25.70 -10.86
CA GLN B 613 20.13 26.69 -11.12
C GLN B 613 19.00 26.02 -11.89
N VAL B 614 18.00 25.53 -11.17
CA VAL B 614 16.89 24.80 -11.75
C VAL B 614 15.83 25.76 -12.27
N ALA B 615 14.90 25.25 -13.05
CA ALA B 615 13.77 26.03 -13.55
C ALA B 615 12.50 25.19 -13.45
N VAL B 616 11.37 25.86 -13.25
CA VAL B 616 10.09 25.19 -13.02
C VAL B 616 9.13 25.61 -14.12
N LEU B 617 8.36 24.66 -14.63
CA LEU B 617 7.31 24.93 -15.60
C LEU B 617 6.01 24.28 -15.16
N TYR B 618 4.93 25.06 -15.14
CA TYR B 618 3.61 24.57 -14.76
C TYR B 618 2.73 24.56 -16.00
N GLN B 619 2.35 23.36 -16.44
CA GLN B 619 1.56 23.19 -17.67
C GLN B 619 0.09 23.29 -17.33
N GLY B 620 -0.53 24.39 -17.76
CA GLY B 620 -1.96 24.58 -17.57
C GLY B 620 -2.32 25.53 -16.44
N VAL B 621 -1.60 26.65 -16.35
CA VAL B 621 -1.90 27.68 -15.37
C VAL B 621 -1.99 29.03 -16.07
N ASN B 622 -2.23 30.10 -15.30
CA ASN B 622 -2.36 31.43 -15.88
C ASN B 622 -1.54 32.45 -15.11
N CYS B 623 -0.43 32.02 -14.50
CA CYS B 623 0.49 32.87 -13.76
C CYS B 623 -0.16 33.51 -12.54
N THR B 624 -1.41 33.17 -12.23
CA THR B 624 -2.10 33.74 -11.08
C THR B 624 -2.67 32.64 -10.20
N GLU B 625 -2.98 31.49 -10.80
CA GLU B 625 -3.50 30.34 -10.07
C GLU B 625 -2.43 29.31 -9.73
N VAL B 626 -1.15 29.64 -9.97
CA VAL B 626 -0.09 28.69 -9.67
C VAL B 626 0.06 28.42 -8.17
N PRO B 627 0.01 29.43 -7.27
CA PRO B 627 0.15 29.10 -5.84
C PRO B 627 -0.93 28.18 -5.31
N VAL B 628 -2.17 28.31 -5.80
CA VAL B 628 -3.23 27.44 -5.32
C VAL B 628 -3.26 26.12 -6.09
N ALA B 629 -2.57 26.05 -7.22
CA ALA B 629 -2.57 24.82 -8.01
C ALA B 629 -1.70 23.75 -7.36
N ILE B 630 -0.43 24.07 -7.10
CA ILE B 630 0.50 23.12 -6.49
C ILE B 630 0.51 23.31 -4.98
N HIS B 631 -0.46 24.05 -4.47
CA HIS B 631 -0.60 24.30 -3.04
C HIS B 631 0.67 24.91 -2.45
N ALA B 632 1.01 26.13 -2.87
CA ALA B 632 2.21 26.78 -2.39
C ALA B 632 2.00 27.37 -1.00
N ASP B 633 1.54 26.54 -0.06
CA ASP B 633 1.37 26.96 1.33
C ASP B 633 1.96 26.00 2.35
N GLN B 634 2.08 24.70 2.04
CA GLN B 634 2.64 23.71 2.96
C GLN B 634 3.85 23.01 2.35
N LEU B 635 4.66 23.73 1.59
CA LEU B 635 5.82 23.17 0.92
C LEU B 635 7.10 23.61 1.65
N THR B 636 8.24 23.22 1.10
CA THR B 636 9.55 23.58 1.65
C THR B 636 9.85 25.04 1.37
N PRO B 637 10.51 25.74 2.31
CA PRO B 637 10.82 27.16 2.08
C PRO B 637 11.75 27.40 0.90
N THR B 638 12.49 26.40 0.45
CA THR B 638 13.33 26.54 -0.74
C THR B 638 12.53 26.58 -2.02
N TRP B 639 11.26 26.15 -1.99
CA TRP B 639 10.39 26.21 -3.15
C TRP B 639 9.39 27.36 -3.09
N ARG B 640 9.29 28.04 -1.95
CA ARG B 640 8.38 29.17 -1.80
C ARG B 640 9.07 30.46 -2.24
N VAL B 641 10.28 30.34 -2.78
CA VAL B 641 11.03 31.51 -3.23
C VAL B 641 11.45 31.29 -4.68
N TYR B 642 11.32 30.05 -5.16
CA TYR B 642 11.69 29.70 -6.52
C TYR B 642 10.61 30.07 -7.53
N SER B 643 9.34 29.80 -7.22
CA SER B 643 8.26 30.18 -8.13
C SER B 643 6.99 30.52 -7.37
N THR B 644 6.82 31.79 -6.99
CA THR B 644 5.53 32.26 -6.51
C THR B 644 5.00 33.37 -7.41
N GLY B 645 5.77 34.46 -7.55
CA GLY B 645 5.40 35.55 -8.43
C GLY B 645 6.60 36.21 -9.10
N SER B 646 7.80 35.69 -8.85
CA SER B 646 9.00 36.34 -9.33
C SER B 646 9.30 35.94 -10.77
N ASN B 647 9.62 36.95 -11.59
CA ASN B 647 9.98 36.80 -13.00
C ASN B 647 9.13 35.75 -13.72
N VAL B 648 7.81 35.93 -13.70
CA VAL B 648 6.89 34.99 -14.33
C VAL B 648 6.71 35.40 -15.80
N PHE B 649 6.24 34.45 -16.60
CA PHE B 649 5.97 34.69 -18.01
C PHE B 649 4.77 33.86 -18.43
N GLN B 650 3.81 34.49 -19.10
CA GLN B 650 2.63 33.78 -19.58
C GLN B 650 2.96 33.02 -20.85
N THR B 651 2.90 31.70 -20.79
CA THR B 651 3.17 30.82 -21.91
C THR B 651 1.88 30.14 -22.36
N ARG B 652 1.88 29.64 -23.60
CA ARG B 652 0.73 28.92 -24.11
C ARG B 652 0.49 27.61 -23.37
N ALA B 653 1.56 26.99 -22.85
CA ALA B 653 1.39 25.76 -22.08
C ALA B 653 1.08 26.07 -20.62
N GLY B 654 1.53 27.23 -20.13
CA GLY B 654 1.31 27.61 -18.76
C GLY B 654 2.10 28.83 -18.34
N CYS B 655 2.78 28.75 -17.21
CA CYS B 655 3.59 29.86 -16.72
C CYS B 655 4.99 29.35 -16.44
N LEU B 656 5.95 29.77 -17.26
CA LEU B 656 7.36 29.39 -17.08
C LEU B 656 7.98 30.34 -16.06
N ILE B 657 8.10 29.89 -14.82
CA ILE B 657 8.60 30.71 -13.73
C ILE B 657 9.97 30.17 -13.33
N GLY B 658 10.97 31.03 -13.34
CA GLY B 658 12.33 30.63 -13.01
C GLY B 658 13.35 31.12 -14.01
N ALA B 659 12.92 31.99 -14.92
CA ALA B 659 13.80 32.55 -15.94
C ALA B 659 13.31 33.94 -16.28
N GLU B 660 13.94 34.55 -17.28
CA GLU B 660 13.60 35.88 -17.75
C GLU B 660 13.38 35.84 -19.26
N TYR B 661 12.25 36.39 -19.71
CA TYR B 661 11.92 36.42 -21.14
C TYR B 661 12.74 37.51 -21.80
N VAL B 662 13.96 37.15 -22.20
CA VAL B 662 14.85 38.10 -22.87
C VAL B 662 14.43 38.21 -24.33
N ASN B 663 14.17 39.44 -24.79
CA ASN B 663 13.72 39.67 -26.16
C ASN B 663 14.94 39.77 -27.07
N ASN B 664 15.55 38.61 -27.31
CA ASN B 664 16.70 38.51 -28.20
C ASN B 664 16.62 37.17 -28.93
N SER B 665 17.70 36.79 -29.60
CA SER B 665 17.76 35.56 -30.37
C SER B 665 18.81 34.64 -29.77
N TYR B 666 18.51 33.34 -29.74
CA TYR B 666 19.44 32.35 -29.20
C TYR B 666 19.42 31.09 -30.05
N GLU B 667 20.03 30.03 -29.55
CA GLU B 667 20.11 28.76 -30.26
C GLU B 667 19.14 27.75 -29.63
N CYS B 668 19.18 26.53 -30.14
CA CYS B 668 18.30 25.45 -29.70
C CYS B 668 18.64 25.09 -28.27
N ASP B 669 17.62 25.04 -27.41
CA ASP B 669 17.80 24.68 -26.00
C ASP B 669 16.85 23.57 -25.60
N ILE B 670 16.74 23.32 -24.30
CA ILE B 670 15.83 22.32 -23.76
C ILE B 670 14.41 22.66 -24.21
N PRO B 671 13.66 21.70 -24.77
CA PRO B 671 12.30 21.99 -25.25
C PRO B 671 11.37 22.33 -24.10
N ILE B 672 10.98 23.60 -24.01
CA ILE B 672 10.04 24.03 -22.98
C ILE B 672 8.64 24.12 -23.54
N GLY B 673 8.53 24.45 -24.83
CA GLY B 673 7.25 24.61 -25.49
C GLY B 673 7.23 25.85 -26.35
N ALA B 674 7.95 26.88 -25.92
CA ALA B 674 8.09 28.14 -26.65
C ALA B 674 9.20 28.94 -25.98
N GLY B 675 9.83 29.82 -26.75
CA GLY B 675 10.84 30.69 -26.22
C GLY B 675 12.20 30.01 -26.04
N ILE B 676 13.24 30.79 -26.29
CA ILE B 676 14.62 30.34 -26.16
C ILE B 676 15.36 31.33 -25.26
N CYS B 677 14.64 31.90 -24.30
CA CYS B 677 15.09 33.04 -23.52
C CYS B 677 16.09 32.63 -22.44
N ALA B 678 16.35 33.54 -21.51
CA ALA B 678 17.47 33.43 -20.59
C ALA B 678 17.46 32.12 -19.81
N SER B 679 18.65 31.57 -19.63
CA SER B 679 18.89 30.38 -18.83
C SER B 679 20.35 30.38 -18.39
N TYR B 680 20.85 29.24 -17.91
CA TYR B 680 22.25 29.12 -17.53
C TYR B 680 23.20 29.19 -18.73
N GLN B 681 22.68 29.35 -19.95
CA GLN B 681 23.55 29.43 -21.11
C GLN B 681 24.28 30.78 -21.14
N THR B 682 25.53 30.72 -21.60
CA THR B 682 26.35 31.90 -21.90
C THR B 682 26.81 32.62 -20.63
N GLN B 683 26.32 32.19 -19.47
CA GLN B 683 26.69 32.80 -18.20
C GLN B 683 26.25 31.96 -17.01
#